data_3SDA
#
_entry.id   3SDA
#
_cell.length_a   94.750
_cell.length_b   94.750
_cell.length_c   287.520
_cell.angle_alpha   90.00
_cell.angle_beta   90.00
_cell.angle_gamma   90.00
#
_symmetry.space_group_name_H-M   'P 41 21 2'
#
loop_
_entity.id
_entity.type
_entity.pdbx_description
1 polymer 'Antigen-presenting glycoprotein CD1d1'
2 polymer Beta-2-microglobulin
3 polymer 'NKT TCR Valpha14 chain'
4 polymer 'NKT TCR autoreactive-Vbeta6 chain'
5 branched 2-acetamido-2-deoxy-beta-D-glucopyranose-(1-4)-2-acetamido-2-deoxy-beta-D-glucopyranose
6 non-polymer 2-acetamido-2-deoxy-beta-D-glucopyranose
7 non-polymer N-[(2S,3R)-1-(beta-D-galactopyranosyloxy)-3-hydroxyoctadec-4-en-2-yl]tetracosanamide
8 non-polymer GLYCEROL
9 water water
#
loop_
_entity_poly.entity_id
_entity_poly.type
_entity_poly.pdbx_seq_one_letter_code
_entity_poly.pdbx_strand_id
1 'polypeptide(L)'
;SEAQQKNYTFRCLQMSSFANRSWSRTDSVVWLGDLQTHRWSNDSATISFTKPWSQGKLSNQQWEKLQHMFQVYRVSFTRD
IQELVKMMSPKEDYPIEIQLSAGCEMYPGNASESFLHVAFQGKYVVRFWGTSWQTVPGAPSWLDLPIKVLNADQGTSATV
QMLLNDTCPLFVRGLLEAGKSDLEKQEKPVAWLSSVPSSAHGHRQLVCHVSGFYPKPVWVMWMRGDQEQQGTHRGDFLPN
ADETWYLQATLDVEAGEEAGLACRVKHSSLGGQDIILYWGSLHHILDAQKMVWNHRHHHHHH
;
A
2 'polypeptide(L)'
;IQKTPQIQVYSRHPPENGKPNILNCYVTQFHPPHIEIQMLKNGKKIPKVEMSDMSFSKDWSFYILAHTEFTPTETDTYAC
RVKHASMAEPKTVYWDRDM
;
B
3 'polypeptide(L)'
;TQVEQSPQSLVVRQGENSVLQCNYSVTPDNHLRWFKQDTGKGLVSLTVLVDQKDKTSNGRYSATLDKDAKHSTLHITATL
LDDTATYICVVGDRGSALGRLHFGAGTQLIVIPDIQNPDPAVYQLRDSKSSDKSVCLFTDFDSQTNVSQSKDSDVYITDK
CVLDMRSMDFKSNSAVAWSNKSDFACANAFNNSIIPEDTFFPSPESS
;
C
4 'polypeptide(L)'
;HMGGIITQTPKFLIGQEGQKLTLKCQQNFNHDTMYWYRQDSGKGLRLIYYSYGAGSTEKGDLSEGYDASREKKSSFSLTV
TSAQKNEMAVFLCASGSLLDVREVFFGKGTRLTVVEDLKNVFPPEVAVFEPSEAEISHTQKATLVCLATGFYPDHVELSW
WVNGKEVHSGVCTDPQPLKEQPALNDSRYALSSRLRVSATFWQNPRNHFRCQVQFYGLSENDEWTQDRAKPVTQIVSAEA
WGRAD
;
D
#
loop_
_chem_comp.id
_chem_comp.type
_chem_comp.name
_chem_comp.formula
GCY non-polymer N-[(2S,3R)-1-(beta-D-galactopyranosyloxy)-3-hydroxyoctadec-4-en-2-yl]tetracosanamide 'C48 H93 N O8'
GOL non-polymer GLYCEROL 'C3 H8 O3'
NAG D-saccharide, beta linking 2-acetamido-2-deoxy-beta-D-glucopyranose 'C8 H15 N O6'
#
# COMPACT_ATOMS: atom_id res chain seq x y z
N LYS A 6 0.39 41.90 1.98
CA LYS A 6 1.52 41.14 1.47
C LYS A 6 2.15 40.42 2.63
N ASN A 7 3.29 40.89 3.07
CA ASN A 7 3.89 40.41 4.28
C ASN A 7 4.20 38.93 4.29
N TYR A 8 3.81 38.21 5.33
CA TYR A 8 4.33 36.89 5.60
C TYR A 8 3.90 35.72 4.74
N THR A 9 4.85 34.84 4.42
CA THR A 9 4.59 33.63 3.66
C THR A 9 5.09 32.41 4.39
N PHE A 10 4.26 31.38 4.47
CA PHE A 10 4.51 30.21 5.29
C PHE A 10 4.77 29.03 4.39
N ARG A 11 5.89 28.36 4.56
CA ARG A 11 6.25 27.23 3.73
C ARG A 11 6.60 26.02 4.50
N CYS A 12 6.11 24.88 4.08
CA CYS A 12 6.56 23.63 4.61
C CYS A 12 7.23 22.97 3.48
N LEU A 13 8.50 22.65 3.64
CA LEU A 13 9.29 22.12 2.57
C LEU A 13 9.68 20.72 2.87
N GLN A 14 9.44 19.84 1.92
CA GLN A 14 9.78 18.46 2.06
C GLN A 14 10.70 18.07 0.96
N MET A 15 11.78 17.39 1.31
CA MET A 15 12.67 16.80 0.32
C MET A 15 12.70 15.29 0.50
N SER A 16 12.44 14.56 -0.59
CA SER A 16 12.44 13.10 -0.55
C SER A 16 13.44 12.56 -1.56
N SER A 17 14.30 11.63 -1.13
CA SER A 17 15.28 11.09 -2.02
C SER A 17 15.19 9.61 -2.08
N PHE A 18 15.17 9.03 -3.27
CA PHE A 18 15.14 7.59 -3.43
C PHE A 18 16.33 7.12 -4.24
N ALA A 19 17.08 6.18 -3.72
CA ALA A 19 18.28 5.73 -4.39
C ALA A 19 18.12 4.49 -5.21
N ASN A 20 17.37 3.56 -4.69
CA ASN A 20 17.16 2.30 -5.33
C ASN A 20 15.93 1.80 -4.66
N ARG A 21 15.50 0.58 -4.91
CA ARG A 21 14.28 0.11 -4.33
C ARG A 21 14.41 0.17 -2.85
N SER A 22 15.53 -0.28 -2.35
CA SER A 22 15.80 -0.35 -0.92
C SER A 22 15.96 0.92 -0.09
N TRP A 23 16.56 1.97 -0.63
CA TRP A 23 17.00 3.10 0.16
C TRP A 23 16.23 4.37 -0.06
N SER A 24 15.75 4.97 1.01
CA SER A 24 15.05 6.23 0.89
C SER A 24 15.05 7.02 2.18
N ARG A 25 14.89 8.32 2.10
CA ARG A 25 14.71 9.16 3.28
C ARG A 25 13.91 10.41 2.99
N THR A 26 13.16 10.91 3.95
CA THR A 26 12.45 12.16 3.79
C THR A 26 12.76 13.12 4.93
N ASP A 27 13.03 14.38 4.61
CA ASP A 27 13.27 15.40 5.61
C ASP A 27 12.47 16.62 5.25
N SER A 28 11.92 17.30 6.24
CA SER A 28 11.12 18.50 6.01
C SER A 28 11.50 19.65 6.95
N VAL A 29 11.40 20.87 6.44
CA VAL A 29 11.66 22.07 7.24
C VAL A 29 10.54 23.07 7.05
N VAL A 30 10.24 23.86 8.08
CA VAL A 30 9.16 24.80 8.00
C VAL A 30 9.62 26.20 8.31
N TRP A 31 9.18 27.14 7.51
CA TRP A 31 9.61 28.51 7.58
C TRP A 31 8.41 29.42 7.68
N LEU A 32 8.52 30.46 8.48
CA LEU A 32 7.58 31.53 8.43
C LEU A 32 8.38 32.74 8.18
N GLY A 33 8.12 33.48 7.13
CA GLY A 33 9.02 34.52 6.78
C GLY A 33 10.35 33.86 6.57
N ASP A 34 11.39 34.40 7.17
CA ASP A 34 12.69 33.77 7.09
C ASP A 34 13.14 33.12 8.37
N LEU A 35 12.22 32.83 9.25
CA LEU A 35 12.54 32.21 10.50
C LEU A 35 12.01 30.82 10.53
N GLN A 36 12.80 29.87 10.98
CA GLN A 36 12.40 28.49 10.87
C GLN A 36 11.61 28.09 12.06
N THR A 37 10.40 27.62 11.83
CA THR A 37 9.56 27.27 12.93
C THR A 37 9.51 25.83 13.24
N HIS A 38 9.83 24.96 12.31
CA HIS A 38 9.71 23.56 12.58
C HIS A 38 10.78 22.71 11.95
N ARG A 39 10.97 21.53 12.52
CA ARG A 39 11.91 20.56 11.96
C ARG A 39 11.36 19.14 12.02
N TRP A 40 11.49 18.41 10.92
CA TRP A 40 11.21 16.98 10.90
C TRP A 40 12.35 16.30 10.17
N SER A 41 12.80 15.14 10.66
CA SER A 41 13.87 14.48 9.98
C SER A 41 13.61 13.01 9.96
N ASN A 42 14.24 12.27 9.06
CA ASN A 42 13.81 10.94 8.74
C ASN A 42 13.78 10.08 9.95
N ASP A 43 14.72 10.33 10.83
CA ASP A 43 14.99 9.44 11.92
C ASP A 43 14.19 9.84 13.12
N SER A 44 13.50 10.96 13.03
CA SER A 44 12.64 11.36 14.10
C SER A 44 11.20 11.04 13.79
N ALA A 45 10.56 10.39 14.74
CA ALA A 45 9.17 10.03 14.71
C ALA A 45 8.25 11.21 14.77
N THR A 46 8.67 12.23 15.48
CA THR A 46 7.84 13.38 15.74
C THR A 46 8.45 14.63 15.23
N ILE A 47 7.59 15.59 14.89
CA ILE A 47 8.04 16.92 14.47
C ILE A 47 8.62 17.67 15.67
N SER A 48 9.62 18.49 15.41
CA SER A 48 10.26 19.26 16.48
C SER A 48 10.12 20.76 16.29
N PHE A 49 9.65 21.44 17.33
CA PHE A 49 9.57 22.88 17.34
C PHE A 49 10.93 23.52 17.36
N THR A 50 11.15 24.54 16.57
CA THR A 50 12.39 25.28 16.60
C THR A 50 12.21 26.62 17.26
N LYS A 51 11.00 26.93 17.64
CA LYS A 51 10.72 28.13 18.37
C LYS A 51 9.81 27.78 19.51
N PRO A 52 9.76 28.60 20.52
CA PRO A 52 8.88 28.37 21.65
C PRO A 52 7.48 28.40 21.21
N TRP A 53 7.20 29.23 20.24
CA TRP A 53 5.85 29.57 19.88
C TRP A 53 5.33 28.76 18.74
N SER A 54 6.00 27.66 18.49
CA SER A 54 5.78 26.80 17.36
C SER A 54 4.43 26.14 17.32
N GLN A 55 3.82 25.86 18.46
CA GLN A 55 2.57 25.13 18.44
C GLN A 55 1.48 26.02 18.02
N GLY A 56 1.78 27.31 17.95
CA GLY A 56 0.82 28.33 17.57
C GLY A 56 -0.44 28.32 18.42
N LYS A 57 -1.61 28.39 17.86
CA LYS A 57 -2.69 28.33 18.79
C LYS A 57 -3.37 26.99 18.93
N LEU A 58 -2.81 25.95 18.34
CA LEU A 58 -3.32 24.61 18.58
C LEU A 58 -3.09 24.00 19.96
N SER A 59 -4.13 23.32 20.43
CA SER A 59 -4.12 22.52 21.64
C SER A 59 -3.17 21.39 21.46
N ASN A 60 -2.77 20.78 22.56
CA ASN A 60 -1.88 19.66 22.47
C ASN A 60 -2.59 18.64 21.67
N GLN A 61 -3.88 18.60 21.87
CA GLN A 61 -4.77 17.73 21.15
C GLN A 61 -4.86 18.03 19.68
N GLN A 62 -5.06 19.27 19.32
CA GLN A 62 -5.12 19.60 17.92
C GLN A 62 -3.80 19.31 17.30
N TRP A 63 -2.74 19.66 17.99
CA TRP A 63 -1.44 19.50 17.41
C TRP A 63 -1.15 18.05 17.16
N GLU A 64 -1.43 17.22 18.12
CA GLU A 64 -1.11 15.83 17.96
C GLU A 64 -1.90 15.14 16.88
N LYS A 65 -3.10 15.62 16.62
CA LYS A 65 -3.91 15.11 15.55
C LYS A 65 -3.30 15.38 14.21
N LEU A 66 -2.85 16.59 14.02
CA LEU A 66 -2.14 16.96 12.81
C LEU A 66 -0.88 16.18 12.74
N GLN A 67 -0.22 16.02 13.85
CA GLN A 67 1.00 15.32 13.78
C GLN A 67 0.68 13.97 13.27
N HIS A 68 -0.43 13.42 13.70
CA HIS A 68 -0.76 12.06 13.30
C HIS A 68 -0.97 11.89 11.84
N MET A 69 -1.60 12.87 11.24
CA MET A 69 -1.91 12.84 9.85
C MET A 69 -0.65 12.83 9.05
N PHE A 70 0.29 13.66 9.46
CA PHE A 70 1.58 13.71 8.85
C PHE A 70 2.40 12.49 9.05
N GLN A 71 2.31 11.91 10.22
CA GLN A 71 3.13 10.76 10.47
C GLN A 71 2.70 9.68 9.54
N VAL A 72 1.41 9.50 9.38
CA VAL A 72 0.89 8.49 8.49
C VAL A 72 1.21 8.75 7.04
N TYR A 73 1.11 10.00 6.66
CA TYR A 73 1.36 10.42 5.30
C TYR A 73 2.77 10.15 4.90
N ARG A 74 3.71 10.41 5.77
CA ARG A 74 5.06 10.27 5.38
C ARG A 74 5.44 8.89 5.01
N VAL A 75 5.04 7.94 5.81
CA VAL A 75 5.31 6.56 5.50
C VAL A 75 4.60 6.05 4.28
N SER A 76 3.37 6.49 4.06
CA SER A 76 2.58 6.08 2.94
C SER A 76 3.11 6.61 1.66
N PHE A 77 3.55 7.83 1.71
CA PHE A 77 4.12 8.51 0.58
C PHE A 77 5.38 7.88 0.08
N THR A 78 6.21 7.42 0.98
CA THR A 78 7.42 6.80 0.60
C THR A 78 7.13 5.57 -0.16
N ARG A 79 6.23 4.76 0.33
CA ARG A 79 5.83 3.57 -0.40
C ARG A 79 5.13 3.83 -1.69
N ASP A 80 4.32 4.86 -1.70
CA ASP A 80 3.54 5.20 -2.85
C ASP A 80 4.43 5.56 -3.98
N ILE A 81 5.51 6.24 -3.70
CA ILE A 81 6.47 6.54 -4.72
C ILE A 81 7.11 5.31 -5.24
N GLN A 82 7.47 4.40 -4.38
CA GLN A 82 8.21 3.25 -4.77
C GLN A 82 7.43 2.44 -5.77
N GLU A 83 6.12 2.44 -5.61
CA GLU A 83 5.21 1.82 -6.54
C GLU A 83 5.13 2.52 -7.84
N LEU A 84 5.17 3.83 -7.80
CA LEU A 84 5.02 4.59 -9.00
C LEU A 84 6.14 4.28 -9.95
N VAL A 85 7.31 4.07 -9.41
CA VAL A 85 8.45 3.70 -10.21
C VAL A 85 8.22 2.38 -10.87
N LYS A 86 7.62 1.45 -10.15
CA LYS A 86 7.30 0.15 -10.68
C LYS A 86 6.32 0.26 -11.79
N MET A 87 5.33 1.13 -11.60
CA MET A 87 4.35 1.44 -12.63
C MET A 87 5.02 2.13 -13.82
N MET A 88 5.93 3.06 -13.51
CA MET A 88 6.63 3.83 -14.51
C MET A 88 7.49 2.95 -15.40
N SER A 89 8.15 1.97 -14.78
CA SER A 89 9.03 1.07 -15.52
C SER A 89 10.14 1.84 -16.22
N PRO A 90 10.31 1.56 -17.51
CA PRO A 90 11.38 2.17 -18.29
C PRO A 90 11.37 3.69 -18.23
N LYS A 91 10.18 4.28 -18.19
CA LYS A 91 10.04 5.73 -18.30
C LYS A 91 10.76 6.49 -17.17
N GLU A 92 10.68 5.99 -15.95
CA GLU A 92 11.42 6.62 -14.86
C GLU A 92 12.22 5.59 -14.08
N ASP A 93 13.40 5.98 -13.61
CA ASP A 93 14.25 5.11 -12.81
C ASP A 93 14.95 5.86 -11.69
N TYR A 94 15.26 5.15 -10.61
CA TYR A 94 16.03 5.71 -9.55
C TYR A 94 17.30 6.22 -10.11
N PRO A 95 17.97 7.11 -9.41
CA PRO A 95 17.51 7.71 -8.18
C PRO A 95 16.47 8.73 -8.46
N ILE A 96 15.59 9.00 -7.51
CA ILE A 96 14.57 10.00 -7.71
C ILE A 96 14.60 11.05 -6.63
N GLU A 97 14.46 12.31 -7.01
CA GLU A 97 14.40 13.34 -6.01
C GLU A 97 13.13 14.14 -6.10
N ILE A 98 12.43 14.26 -4.98
CA ILE A 98 11.18 14.99 -4.88
C ILE A 98 11.17 16.09 -3.85
N GLN A 99 10.70 17.27 -4.23
CA GLN A 99 10.58 18.40 -3.35
C GLN A 99 9.16 18.88 -3.31
N LEU A 100 8.61 19.14 -2.15
CA LEU A 100 7.30 19.75 -2.07
C LEU A 100 7.35 21.04 -1.34
N SER A 101 6.78 22.08 -1.92
CA SER A 101 6.59 23.33 -1.22
C SER A 101 5.09 23.50 -1.05
N ALA A 102 4.65 23.48 0.21
CA ALA A 102 3.27 23.73 0.55
C ALA A 102 3.25 24.84 1.59
N GLY A 103 2.50 25.89 1.32
CA GLY A 103 2.43 27.01 2.24
C GLY A 103 1.17 27.82 2.12
N CYS A 104 0.86 28.55 3.17
CA CYS A 104 -0.24 29.51 3.13
C CYS A 104 0.39 30.89 3.19
N GLU A 105 0.03 31.75 2.25
CA GLU A 105 0.59 33.10 2.21
C GLU A 105 -0.40 34.09 2.77
N MET A 106 0.02 34.83 3.79
CA MET A 106 -0.83 35.80 4.48
C MET A 106 -1.20 37.00 3.62
N TYR A 107 -2.43 37.47 3.77
CA TYR A 107 -2.87 38.70 3.14
C TYR A 107 -3.45 39.53 4.28
N PRO A 108 -3.61 40.83 4.09
CA PRO A 108 -4.01 41.68 5.21
C PRO A 108 -5.28 41.12 5.81
N GLY A 109 -5.30 41.02 7.14
CA GLY A 109 -6.31 40.25 7.84
C GLY A 109 -7.73 40.67 7.53
N ASN A 110 -8.59 39.69 7.29
CA ASN A 110 -8.14 38.29 7.20
C ASN A 110 -8.27 37.81 5.76
N ALA A 111 -7.19 37.25 5.22
CA ALA A 111 -7.18 36.87 3.82
C ALA A 111 -5.93 36.11 3.58
N SER A 112 -5.94 35.14 2.69
CA SER A 112 -4.74 34.37 2.41
C SER A 112 -4.81 33.59 1.12
N GLU A 113 -3.66 33.15 0.61
CA GLU A 113 -3.59 32.28 -0.55
C GLU A 113 -2.78 31.07 -0.20
N SER A 114 -3.18 29.91 -0.68
CA SER A 114 -2.54 28.67 -0.33
C SER A 114 -1.95 28.05 -1.54
N PHE A 115 -0.94 27.23 -1.37
CA PHE A 115 -0.30 26.58 -2.48
C PHE A 115 0.23 25.22 -2.13
N LEU A 116 0.25 24.32 -3.09
CA LEU A 116 1.00 23.11 -2.94
C LEU A 116 1.73 22.76 -4.21
N HIS A 117 3.05 22.81 -4.20
CA HIS A 117 3.81 22.63 -5.40
C HIS A 117 4.74 21.47 -5.30
N VAL A 118 4.97 20.78 -6.39
CA VAL A 118 5.81 19.59 -6.39
C VAL A 118 6.91 19.64 -7.42
N ALA A 119 8.12 19.27 -7.06
CA ALA A 119 9.20 19.24 -8.03
C ALA A 119 9.78 17.88 -8.15
N PHE A 120 10.09 17.48 -9.36
CA PHE A 120 10.62 16.18 -9.62
C PHE A 120 11.95 16.37 -10.25
N GLN A 121 12.97 15.86 -9.62
CA GLN A 121 14.33 15.97 -10.09
C GLN A 121 14.75 17.40 -10.24
N GLY A 122 14.19 18.27 -9.42
CA GLY A 122 14.53 19.68 -9.45
C GLY A 122 13.73 20.56 -10.36
N LYS A 123 12.71 20.02 -10.96
CA LYS A 123 11.89 20.79 -11.84
C LYS A 123 10.51 20.80 -11.26
N TYR A 124 9.80 21.88 -11.47
CA TYR A 124 8.47 22.03 -10.95
C TYR A 124 7.55 21.42 -11.96
N VAL A 125 6.83 20.39 -11.54
CA VAL A 125 5.98 19.65 -12.44
C VAL A 125 4.50 19.70 -12.17
N VAL A 126 4.11 19.56 -10.92
CA VAL A 126 2.73 19.36 -10.54
C VAL A 126 2.35 20.33 -9.46
N ARG A 127 1.08 20.64 -9.35
CA ARG A 127 0.60 21.43 -8.25
C ARG A 127 -0.77 20.94 -7.93
N PHE A 128 -1.26 21.22 -6.73
CA PHE A 128 -2.62 20.87 -6.38
C PHE A 128 -3.44 22.10 -6.55
N TRP A 129 -4.47 22.01 -7.34
CA TRP A 129 -5.27 23.15 -7.67
C TRP A 129 -6.73 22.88 -7.47
N GLY A 130 -7.39 23.60 -6.59
CA GLY A 130 -8.79 23.41 -6.41
C GLY A 130 -9.14 22.16 -5.69
N THR A 131 -9.40 21.13 -6.46
CA THR A 131 -9.80 19.85 -5.95
C THR A 131 -8.91 18.70 -6.31
N SER A 132 -8.01 18.92 -7.26
CA SER A 132 -7.21 17.88 -7.88
C SER A 132 -5.80 18.31 -8.20
N TRP A 133 -4.92 17.34 -8.47
CA TRP A 133 -3.58 17.57 -8.98
C TRP A 133 -3.52 17.93 -10.43
N GLN A 134 -2.57 18.76 -10.80
CA GLN A 134 -2.35 19.09 -12.19
C GLN A 134 -0.92 19.17 -12.57
N THR A 135 -0.61 18.85 -13.80
CA THR A 135 0.71 19.03 -14.32
C THR A 135 0.83 20.45 -14.71
N VAL A 136 1.95 21.09 -14.43
CA VAL A 136 2.19 22.42 -14.92
C VAL A 136 2.75 22.41 -16.31
N PRO A 137 2.80 23.56 -16.92
CA PRO A 137 3.34 23.69 -18.24
C PRO A 137 4.78 23.33 -18.29
N GLY A 138 5.13 22.53 -19.27
CA GLY A 138 6.46 22.03 -19.44
C GLY A 138 6.74 20.73 -18.76
N ALA A 139 5.75 20.18 -18.09
CA ALA A 139 5.91 18.91 -17.43
C ALA A 139 5.94 17.82 -18.46
N PRO A 140 6.66 16.76 -18.14
CA PRO A 140 6.79 15.60 -18.99
C PRO A 140 5.48 14.92 -19.11
N SER A 141 5.18 14.44 -20.29
CA SER A 141 3.90 13.84 -20.57
C SER A 141 3.64 12.58 -19.84
N TRP A 142 4.71 11.95 -19.35
CA TRP A 142 4.67 10.67 -18.67
C TRP A 142 3.85 10.70 -17.38
N LEU A 143 3.92 11.82 -16.68
CA LEU A 143 3.33 11.98 -15.35
C LEU A 143 1.82 11.84 -15.37
N ASP A 144 1.21 12.01 -16.54
CA ASP A 144 -0.24 12.09 -16.64
C ASP A 144 -0.98 10.85 -16.13
N LEU A 145 -0.47 9.65 -16.41
CA LEU A 145 -1.08 8.50 -15.85
C LEU A 145 -1.07 8.58 -14.37
N PRO A 146 0.07 8.90 -13.81
CA PRO A 146 0.23 8.94 -12.37
C PRO A 146 -0.64 9.96 -11.74
N ILE A 147 -0.81 11.10 -12.41
CA ILE A 147 -1.71 12.14 -11.89
C ILE A 147 -3.12 11.57 -11.85
N LYS A 148 -3.48 10.83 -12.88
CA LYS A 148 -4.80 10.20 -12.96
C LYS A 148 -5.01 9.17 -11.85
N VAL A 149 -3.96 8.39 -11.55
CA VAL A 149 -4.07 7.35 -10.58
C VAL A 149 -4.23 7.96 -9.21
N LEU A 150 -3.51 9.01 -8.94
CA LEU A 150 -3.64 9.80 -7.73
C LEU A 150 -4.93 10.56 -7.56
N ASN A 151 -5.42 11.12 -8.64
CA ASN A 151 -6.59 11.95 -8.59
C ASN A 151 -7.84 11.17 -8.26
N ALA A 152 -7.76 9.87 -8.44
CA ALA A 152 -8.80 8.95 -8.09
C ALA A 152 -9.02 8.85 -6.62
N ASP A 153 -8.01 9.12 -5.83
CA ASP A 153 -8.11 8.93 -4.42
C ASP A 153 -8.75 10.16 -3.84
N GLN A 154 -10.06 10.16 -3.83
CA GLN A 154 -10.83 11.31 -3.38
C GLN A 154 -10.71 11.63 -1.92
N GLY A 155 -10.41 10.62 -1.12
CA GLY A 155 -10.18 10.81 0.29
C GLY A 155 -8.99 11.65 0.63
N THR A 156 -7.91 11.40 -0.06
CA THR A 156 -6.74 12.20 0.09
C THR A 156 -7.02 13.59 -0.38
N SER A 157 -7.77 13.73 -1.44
CA SER A 157 -8.02 15.03 -2.01
C SER A 157 -8.78 15.90 -1.08
N ALA A 158 -9.75 15.32 -0.41
CA ALA A 158 -10.61 16.02 0.50
C ALA A 158 -9.84 16.54 1.64
N THR A 159 -8.99 15.71 2.15
CA THR A 159 -8.16 16.10 3.25
C THR A 159 -7.19 17.20 2.88
N VAL A 160 -6.60 17.13 1.71
CA VAL A 160 -5.69 18.16 1.27
C VAL A 160 -6.38 19.49 1.10
N GLN A 161 -7.60 19.50 0.63
CA GLN A 161 -8.35 20.74 0.54
C GLN A 161 -8.60 21.33 1.89
N MET A 162 -8.81 20.47 2.88
CA MET A 162 -9.02 20.89 4.27
C MET A 162 -7.80 21.58 4.84
N LEU A 163 -6.63 21.03 4.56
CA LEU A 163 -5.38 21.58 5.00
C LEU A 163 -5.06 22.87 4.34
N LEU A 164 -5.15 22.88 3.03
CA LEU A 164 -4.92 24.08 2.30
C LEU A 164 -5.98 25.16 2.49
N ASN A 165 -7.23 24.81 2.28
CA ASN A 165 -8.29 25.78 2.42
C ASN A 165 -8.52 26.30 3.83
N ASP A 166 -8.60 25.43 4.80
CA ASP A 166 -8.99 25.91 6.11
C ASP A 166 -7.88 25.97 7.09
N THR A 167 -7.17 24.86 7.23
CA THR A 167 -6.14 24.75 8.23
C THR A 167 -4.93 25.63 8.17
N CYS A 168 -4.30 25.83 7.02
CA CYS A 168 -3.06 26.60 7.05
C CYS A 168 -3.33 28.01 7.49
N PRO A 169 -4.29 28.68 6.91
CA PRO A 169 -4.48 30.07 7.25
C PRO A 169 -4.80 30.19 8.71
N LEU A 170 -5.52 29.22 9.21
CA LEU A 170 -5.85 29.18 10.61
C LEU A 170 -4.65 29.00 11.46
N PHE A 171 -3.85 28.01 11.17
CA PHE A 171 -2.74 27.75 12.01
C PHE A 171 -1.81 28.91 12.03
N VAL A 172 -1.57 29.50 10.86
CA VAL A 172 -0.64 30.60 10.71
C VAL A 172 -1.00 31.90 11.38
N ARG A 173 -2.27 32.25 11.33
CA ARG A 173 -2.72 33.45 11.95
C ARG A 173 -2.41 33.29 13.38
N GLY A 174 -2.45 32.06 13.85
CA GLY A 174 -2.05 31.76 15.19
C GLY A 174 -0.60 32.00 15.45
N LEU A 175 0.22 31.60 14.51
CA LEU A 175 1.66 31.67 14.64
C LEU A 175 2.07 33.09 14.77
N LEU A 176 1.40 33.93 14.00
CA LEU A 176 1.68 35.34 13.99
C LEU A 176 1.43 36.05 15.29
N GLU A 177 0.38 35.72 16.01
CA GLU A 177 0.20 36.27 17.34
C GLU A 177 1.24 35.70 18.25
N ALA A 178 1.41 34.40 18.16
CA ALA A 178 2.23 33.66 19.09
C ALA A 178 3.67 34.02 19.06
N GLY A 179 4.20 34.26 17.88
CA GLY A 179 5.61 34.44 17.71
C GLY A 179 5.88 35.86 17.37
N LYS A 180 5.02 36.74 17.76
CA LYS A 180 5.09 38.10 17.31
C LYS A 180 6.38 38.70 17.75
N SER A 181 6.82 38.36 18.93
CA SER A 181 7.96 39.04 19.47
C SER A 181 9.18 38.80 18.64
N ASP A 182 9.45 37.56 18.31
CA ASP A 182 10.55 37.20 17.48
C ASP A 182 10.42 37.73 16.09
N LEU A 183 9.22 37.74 15.57
CA LEU A 183 9.01 38.16 14.20
C LEU A 183 9.39 39.59 13.95
N GLU A 184 9.20 40.41 14.96
CA GLU A 184 9.29 41.83 14.77
C GLU A 184 10.53 42.43 15.36
N LYS A 185 11.46 41.60 15.75
CA LYS A 185 12.65 42.00 16.43
C LYS A 185 13.51 42.80 15.53
N GLN A 186 14.39 43.62 16.09
CA GLN A 186 15.35 44.35 15.31
C GLN A 186 16.73 44.13 15.86
N GLU A 187 17.67 43.73 15.04
CA GLU A 187 19.01 43.58 15.49
C GLU A 187 19.87 44.48 14.66
N LYS A 188 20.72 45.26 15.28
CA LYS A 188 21.57 46.19 14.56
C LYS A 188 22.74 45.56 13.86
N PRO A 189 23.02 46.04 12.67
CA PRO A 189 24.15 45.63 11.89
C PRO A 189 25.45 46.21 12.35
N VAL A 190 26.52 45.53 12.05
CA VAL A 190 27.84 46.01 12.32
C VAL A 190 28.56 46.01 11.00
N ALA A 191 29.32 47.05 10.71
CA ALA A 191 29.98 47.16 9.43
C ALA A 191 31.46 47.31 9.59
N TRP A 192 32.21 46.73 8.68
CA TRP A 192 33.62 46.98 8.61
C TRP A 192 34.15 47.02 7.19
N LEU A 193 35.20 47.81 6.97
CA LEU A 193 35.79 47.96 5.65
C LEU A 193 36.96 47.05 5.39
N SER A 194 37.21 46.81 4.12
CA SER A 194 38.32 45.99 3.68
C SER A 194 38.63 46.32 2.25
N SER A 195 39.74 45.84 1.75
CA SER A 195 40.08 46.10 0.38
C SER A 195 40.85 44.96 -0.22
N VAL A 196 40.71 44.79 -1.51
CA VAL A 196 41.47 43.82 -2.24
C VAL A 196 41.83 44.45 -3.56
N PRO A 197 42.86 43.94 -4.20
CA PRO A 197 43.35 44.48 -5.45
C PRO A 197 42.51 44.02 -6.58
N SER A 198 42.10 44.92 -7.44
CA SER A 198 41.20 44.57 -8.50
C SER A 198 41.87 43.90 -9.67
N SER A 199 41.07 43.26 -10.50
CA SER A 199 41.54 42.56 -11.65
C SER A 199 42.21 43.57 -12.54
N ALA A 200 41.67 44.77 -12.54
CA ALA A 200 42.26 45.84 -13.29
C ALA A 200 43.56 46.21 -12.67
N HIS A 201 44.61 46.28 -13.46
CA HIS A 201 45.90 46.62 -12.93
C HIS A 201 45.85 48.03 -12.40
N GLY A 202 46.43 48.24 -11.22
CA GLY A 202 46.47 49.54 -10.58
C GLY A 202 45.18 49.98 -9.92
N HIS A 203 44.29 49.04 -9.71
CA HIS A 203 42.98 49.39 -9.25
C HIS A 203 42.69 48.60 -8.02
N ARG A 204 41.87 49.16 -7.15
CA ARG A 204 41.61 48.51 -5.89
C ARG A 204 40.15 48.24 -5.74
N GLN A 205 39.83 47.15 -5.08
CA GLN A 205 38.45 46.82 -4.85
C GLN A 205 38.15 47.01 -3.40
N LEU A 206 37.22 47.90 -3.08
CA LEU A 206 36.88 48.22 -1.72
C LEU A 206 35.64 47.49 -1.29
N VAL A 207 35.61 46.96 -0.08
CA VAL A 207 34.50 46.16 0.42
C VAL A 207 33.90 46.67 1.71
N CYS A 208 32.61 46.96 1.72
CA CYS A 208 31.93 47.37 2.96
C CYS A 208 31.11 46.19 3.50
N HIS A 209 31.43 45.74 4.70
CA HIS A 209 30.75 44.57 5.23
C HIS A 209 29.70 44.98 6.22
N VAL A 210 28.52 44.44 6.10
CA VAL A 210 27.47 44.64 7.08
C VAL A 210 27.02 43.28 7.56
N SER A 211 26.98 43.08 8.86
CA SER A 211 26.63 41.79 9.38
C SER A 211 25.72 41.92 10.57
N GLY A 212 24.92 40.89 10.84
CA GLY A 212 24.08 40.82 12.04
C GLY A 212 22.71 41.50 12.13
N PHE A 213 22.18 41.98 11.02
CA PHE A 213 20.91 42.65 11.03
C PHE A 213 19.68 41.78 10.88
N TYR A 214 18.59 42.22 11.48
CA TYR A 214 17.26 41.72 11.22
C TYR A 214 16.34 42.89 11.38
N PRO A 215 15.31 43.03 10.57
CA PRO A 215 14.89 42.12 9.54
C PRO A 215 15.68 42.34 8.30
N LYS A 216 15.32 41.66 7.24
CA LYS A 216 16.16 41.54 6.08
C LYS A 216 16.51 42.77 5.30
N PRO A 217 15.60 43.69 5.14
CA PRO A 217 15.85 44.81 4.24
C PRO A 217 16.85 45.81 4.76
N VAL A 218 17.84 46.12 3.93
CA VAL A 218 18.92 46.98 4.30
C VAL A 218 19.37 47.75 3.11
N TRP A 219 20.00 48.89 3.35
CA TRP A 219 20.48 49.73 2.27
C TRP A 219 21.96 49.93 2.43
N VAL A 220 22.75 49.68 1.43
CA VAL A 220 24.16 49.94 1.53
C VAL A 220 24.69 50.67 0.33
N MET A 221 25.36 51.79 0.50
CA MET A 221 26.03 52.43 -0.62
C MET A 221 27.35 53.07 -0.25
N TRP A 222 28.25 53.18 -1.21
CA TRP A 222 29.48 53.91 -1.04
C TRP A 222 29.18 55.32 -1.45
N MET A 223 29.75 56.30 -0.80
CA MET A 223 29.49 57.68 -1.15
C MET A 223 30.74 58.46 -1.11
N ARG A 224 30.83 59.51 -1.88
CA ARG A 224 31.83 60.49 -1.62
C ARG A 224 31.04 61.72 -1.38
N GLY A 225 31.06 62.22 -0.16
CA GLY A 225 30.14 63.26 0.22
C GLY A 225 28.69 62.83 0.14
N ASP A 226 27.84 63.67 -0.41
CA ASP A 226 26.43 63.35 -0.42
C ASP A 226 26.06 62.64 -1.70
N GLN A 227 27.06 62.33 -2.49
CA GLN A 227 26.81 61.73 -3.77
C GLN A 227 27.12 60.28 -3.81
N GLU A 228 26.13 59.47 -4.10
CA GLU A 228 26.27 58.03 -4.14
C GLU A 228 27.15 57.64 -5.27
N GLN A 229 27.88 56.56 -5.11
CA GLN A 229 28.73 56.12 -6.18
C GLN A 229 28.06 54.95 -6.80
N GLN A 230 27.86 55.02 -8.10
CA GLN A 230 26.99 54.11 -8.77
C GLN A 230 27.74 52.90 -9.16
N GLY A 231 28.99 52.84 -8.76
CA GLY A 231 29.83 51.73 -9.09
C GLY A 231 29.71 50.62 -8.10
N THR A 232 28.81 50.79 -7.16
CA THR A 232 28.64 49.85 -6.08
C THR A 232 27.81 48.67 -6.47
N HIS A 233 28.31 47.48 -6.21
CA HIS A 233 27.53 46.30 -6.44
C HIS A 233 27.20 45.56 -5.17
N ARG A 234 25.93 45.53 -4.81
CA ARG A 234 25.47 44.76 -3.67
C ARG A 234 25.58 43.27 -3.95
N GLY A 235 26.00 42.51 -2.95
CA GLY A 235 26.16 41.08 -3.03
C GLY A 235 24.87 40.44 -2.60
N ASP A 236 24.78 39.13 -2.64
CA ASP A 236 23.59 38.45 -2.18
C ASP A 236 23.51 38.50 -0.69
N PHE A 237 22.32 38.42 -0.13
CA PHE A 237 22.19 38.31 1.30
C PHE A 237 22.63 36.94 1.73
N LEU A 238 23.38 36.83 2.81
CA LEU A 238 23.85 35.54 3.30
C LEU A 238 23.44 35.28 4.71
N PRO A 239 23.07 34.07 5.01
CA PRO A 239 22.59 33.73 6.33
C PRO A 239 23.64 33.70 7.39
N ASN A 240 23.35 34.31 8.52
CA ASN A 240 24.12 34.11 9.70
C ASN A 240 23.46 33.00 10.45
N ALA A 241 24.19 32.33 11.31
CA ALA A 241 23.64 31.19 11.99
C ALA A 241 22.74 31.58 13.11
N ASP A 242 22.73 32.84 13.48
CA ASP A 242 22.00 33.24 14.64
C ASP A 242 20.76 33.97 14.28
N GLU A 243 20.23 33.65 13.12
CA GLU A 243 19.10 34.34 12.54
C GLU A 243 19.27 35.79 12.23
N THR A 244 20.37 36.10 11.58
CA THR A 244 20.72 37.45 11.22
C THR A 244 21.27 37.40 9.83
N TRP A 245 21.43 38.53 9.20
CA TRP A 245 21.86 38.58 7.82
C TRP A 245 23.21 39.23 7.65
N TYR A 246 23.93 38.78 6.65
CA TYR A 246 25.21 39.35 6.31
C TYR A 246 25.17 39.80 4.87
N LEU A 247 25.77 40.93 4.57
CA LEU A 247 25.77 41.40 3.21
C LEU A 247 26.94 42.29 2.98
N GLN A 248 27.43 42.40 1.76
CA GLN A 248 28.52 43.30 1.49
C GLN A 248 28.44 44.03 0.17
N ALA A 249 28.97 45.23 0.13
CA ALA A 249 28.99 46.04 -1.06
C ALA A 249 30.42 46.40 -1.45
N THR A 250 30.79 46.21 -2.71
CA THR A 250 32.16 46.45 -3.15
C THR A 250 32.19 47.47 -4.24
N LEU A 251 33.13 48.38 -4.19
CA LEU A 251 33.32 49.34 -5.25
C LEU A 251 34.75 49.26 -5.67
N ASP A 252 35.02 49.53 -6.93
CA ASP A 252 36.37 49.48 -7.42
C ASP A 252 36.85 50.86 -7.80
N VAL A 253 38.07 51.15 -7.41
CA VAL A 253 38.55 52.48 -7.59
C VAL A 253 40.01 52.51 -7.94
N GLU A 254 40.42 53.61 -8.51
CA GLU A 254 41.79 53.81 -8.86
C GLU A 254 42.55 53.97 -7.57
N ALA A 255 43.70 53.36 -7.47
CA ALA A 255 44.39 53.42 -6.22
C ALA A 255 44.63 54.85 -5.90
N GLY A 256 44.41 55.19 -4.64
CA GLY A 256 44.49 56.54 -4.14
C GLY A 256 43.20 57.31 -4.23
N GLU A 257 42.18 56.72 -4.78
CA GLU A 257 40.90 57.40 -4.90
C GLU A 257 40.07 57.14 -3.66
N GLU A 258 40.62 56.30 -2.81
CA GLU A 258 39.97 55.87 -1.61
C GLU A 258 39.70 56.95 -0.60
N ALA A 259 40.58 57.89 -0.46
CA ALA A 259 40.32 58.92 0.50
C ALA A 259 39.14 59.77 0.13
N GLY A 260 38.27 60.00 1.08
CA GLY A 260 37.07 60.78 0.88
C GLY A 260 35.82 59.96 0.75
N LEU A 261 35.98 58.69 0.53
CA LEU A 261 34.87 57.75 0.48
C LEU A 261 34.38 57.25 1.83
N ALA A 262 33.13 56.80 1.89
CA ALA A 262 32.53 56.20 3.06
C ALA A 262 31.51 55.15 2.67
N CYS A 263 31.33 54.15 3.51
CA CYS A 263 30.26 53.16 3.31
C CYS A 263 29.06 53.54 4.15
N ARG A 264 27.89 53.68 3.52
CA ARG A 264 26.70 54.14 4.21
C ARG A 264 25.62 53.07 4.31
N VAL A 265 25.10 52.85 5.52
CA VAL A 265 24.07 51.85 5.76
C VAL A 265 22.81 52.38 6.44
N LYS A 266 21.65 52.00 5.91
CA LYS A 266 20.38 52.31 6.54
C LYS A 266 19.69 51.04 6.98
N HIS A 267 19.05 51.07 8.12
CA HIS A 267 18.32 49.90 8.55
C HIS A 267 17.24 50.32 9.48
N SER A 268 16.26 49.45 9.65
CA SER A 268 15.13 49.70 10.50
C SER A 268 15.51 49.86 11.95
N SER A 269 16.54 49.16 12.38
CA SER A 269 16.94 49.17 13.76
C SER A 269 17.70 50.39 14.17
N LEU A 270 18.28 51.03 13.16
CA LEU A 270 18.98 52.29 13.28
C LEU A 270 17.98 53.36 13.65
N GLY A 271 16.78 53.24 13.08
CA GLY A 271 15.85 54.33 13.07
C GLY A 271 16.52 55.42 12.28
N GLY A 272 16.65 56.60 12.87
CA GLY A 272 17.26 57.72 12.19
C GLY A 272 18.71 57.58 11.77
N GLN A 273 19.53 56.95 12.60
CA GLN A 273 20.96 57.17 12.50
C GLN A 273 21.64 56.23 11.54
N ASP A 274 21.89 56.65 10.33
CA ASP A 274 22.61 55.81 9.41
C ASP A 274 24.00 55.67 9.86
N ILE A 275 24.61 54.58 9.48
CA ILE A 275 25.98 54.34 9.81
C ILE A 275 26.81 54.83 8.68
N ILE A 276 27.62 55.84 8.91
CA ILE A 276 28.54 56.30 7.91
C ILE A 276 29.91 55.97 8.39
N LEU A 277 30.60 55.19 7.61
CA LEU A 277 31.87 54.66 7.98
C LEU A 277 32.88 55.03 6.95
N TYR A 278 33.89 55.80 7.33
CA TYR A 278 34.80 56.42 6.41
C TYR A 278 36.07 55.69 6.26
N TRP A 279 36.57 55.65 5.05
CA TRP A 279 37.82 55.01 4.76
C TRP A 279 38.91 55.79 5.45
N GLY A 280 39.83 55.12 6.10
CA GLY A 280 40.88 55.84 6.78
C GLY A 280 40.45 56.58 8.02
N SER A 281 39.37 56.13 8.61
CA SER A 281 38.85 56.71 9.81
C SER A 281 39.67 56.19 10.94
N LEU A 282 39.52 56.79 12.10
CA LEU A 282 40.35 56.44 13.20
C LEU A 282 40.12 55.01 13.51
N HIS A 283 38.88 54.60 13.49
CA HIS A 283 38.51 53.22 13.68
C HIS A 283 38.92 52.27 12.58
N HIS A 284 38.85 52.74 11.37
CA HIS A 284 39.21 51.91 10.24
C HIS A 284 40.65 51.55 10.38
N ILE A 285 41.46 52.53 10.73
CA ILE A 285 42.87 52.30 10.88
C ILE A 285 43.20 51.32 11.96
N LEU A 286 42.63 51.49 13.13
CA LEU A 286 42.83 50.57 14.23
C LEU A 286 42.25 49.20 14.03
N ASP A 287 41.06 49.17 13.49
CA ASP A 287 40.36 47.95 13.23
C ASP A 287 41.13 47.16 12.22
N ALA A 288 41.70 47.85 11.26
CA ALA A 288 42.46 47.25 10.22
C ALA A 288 43.67 46.59 10.77
N GLN A 289 44.22 47.18 11.80
CA GLN A 289 45.43 46.71 12.42
C GLN A 289 45.25 45.34 13.01
N LYS A 290 44.06 45.07 13.50
CA LYS A 290 43.78 43.83 14.18
C LYS A 290 43.47 42.69 13.26
N MET A 291 43.33 42.98 12.00
CA MET A 291 43.00 41.98 11.03
C MET A 291 44.16 41.44 10.26
N VAL A 292 45.33 41.93 10.50
CA VAL A 292 46.39 41.71 9.60
C VAL A 292 46.72 40.25 9.50
N TRP A 293 47.24 39.82 8.36
CA TRP A 293 47.54 38.42 8.12
C TRP A 293 48.45 38.22 6.94
N ASN A 294 48.98 37.02 6.84
CA ASN A 294 50.00 36.68 5.87
C ASN A 294 49.51 36.09 4.56
N HIS A 295 48.55 36.72 3.93
CA HIS A 295 47.96 36.21 2.71
C HIS A 295 48.65 34.97 2.20
N ILE B 1 26.45 14.80 -11.71
CA ILE B 1 25.14 15.14 -11.22
C ILE B 1 24.80 16.54 -11.61
N GLN B 2 23.54 16.88 -11.52
CA GLN B 2 23.00 17.98 -12.25
C GLN B 2 23.50 19.39 -11.96
N LYS B 3 23.50 19.84 -10.72
CA LYS B 3 23.92 21.21 -10.48
C LYS B 3 25.05 21.29 -9.48
N THR B 4 25.85 22.33 -9.61
CA THR B 4 27.12 22.44 -8.93
C THR B 4 27.11 23.51 -7.86
N PRO B 5 27.73 23.18 -6.75
CA PRO B 5 27.68 23.94 -5.52
C PRO B 5 28.40 25.26 -5.55
N GLN B 6 27.84 26.22 -4.86
CA GLN B 6 28.54 27.45 -4.71
C GLN B 6 28.82 27.66 -3.26
N ILE B 7 30.07 27.96 -2.96
CA ILE B 7 30.55 28.02 -1.62
C ILE B 7 31.02 29.38 -1.26
N GLN B 8 30.60 29.87 -0.12
CA GLN B 8 31.03 31.14 0.39
C GLN B 8 31.43 31.05 1.85
N VAL B 9 32.61 31.58 2.18
CA VAL B 9 33.13 31.59 3.54
C VAL B 9 33.27 32.98 4.11
N TYR B 10 32.63 33.20 5.26
CA TYR B 10 32.57 34.52 5.87
C TYR B 10 32.64 34.45 7.39
N SER B 11 32.99 35.56 8.02
CA SER B 11 33.05 35.66 9.46
C SER B 11 31.86 36.49 9.95
N ARG B 12 31.15 35.97 10.95
CA ARG B 12 29.95 36.62 11.44
C ARG B 12 30.26 38.00 11.99
N HIS B 13 31.38 38.11 12.70
CA HIS B 13 31.83 39.38 13.19
C HIS B 13 33.13 39.76 12.58
N PRO B 14 33.50 41.01 12.72
CA PRO B 14 34.75 41.50 12.18
C PRO B 14 35.85 40.81 12.83
N PRO B 15 36.87 40.48 12.09
CA PRO B 15 37.96 39.71 12.64
C PRO B 15 38.97 40.56 13.36
N GLU B 16 39.30 40.21 14.58
CA GLU B 16 40.40 40.80 15.25
C GLU B 16 41.21 39.62 15.61
N ASN B 17 42.48 39.61 15.27
CA ASN B 17 43.26 38.42 15.44
C ASN B 17 43.36 38.04 16.88
N GLY B 18 43.14 36.78 17.18
CA GLY B 18 43.27 36.31 18.52
C GLY B 18 42.02 36.49 19.33
N LYS B 19 40.96 36.92 18.66
CA LYS B 19 39.67 37.02 19.31
C LYS B 19 38.65 36.14 18.65
N PRO B 20 37.96 35.35 19.46
CA PRO B 20 37.05 34.35 18.99
C PRO B 20 35.85 34.88 18.24
N ASN B 21 35.46 34.13 17.22
CA ASN B 21 34.52 34.54 16.22
C ASN B 21 33.85 33.31 15.70
N ILE B 22 32.92 33.49 14.77
CA ILE B 22 32.25 32.40 14.10
C ILE B 22 32.46 32.44 12.63
N LEU B 23 32.71 31.29 12.02
CA LEU B 23 32.89 31.20 10.59
C LEU B 23 31.82 30.41 9.90
N ASN B 24 31.25 30.98 8.86
CA ASN B 24 30.20 30.34 8.10
C ASN B 24 30.69 29.87 6.74
N CYS B 25 30.29 28.67 6.34
CA CYS B 25 30.43 28.14 4.98
C CYS B 25 29.00 28.04 4.56
N TYR B 26 28.58 28.81 3.57
CA TYR B 26 27.25 28.71 3.07
C TYR B 26 27.31 28.12 1.70
N VAL B 27 26.71 26.95 1.54
CA VAL B 27 26.76 26.23 0.29
C VAL B 27 25.44 26.23 -0.43
N THR B 28 25.46 26.56 -1.71
CA THR B 28 24.26 26.78 -2.44
C THR B 28 24.24 26.31 -3.86
N GLN B 29 23.03 26.19 -4.38
CA GLN B 29 22.73 25.91 -5.77
C GLN B 29 22.97 24.51 -6.21
N PHE B 30 23.19 23.61 -5.28
CA PHE B 30 23.49 22.26 -5.64
C PHE B 30 22.31 21.37 -5.77
N HIS B 31 22.37 20.49 -6.74
CA HIS B 31 21.46 19.40 -6.86
C HIS B 31 22.29 18.26 -7.32
N PRO B 32 22.15 17.07 -6.75
CA PRO B 32 21.21 16.70 -5.72
C PRO B 32 21.61 17.09 -4.33
N PRO B 33 20.82 16.71 -3.36
CA PRO B 33 20.96 17.14 -1.99
C PRO B 33 21.95 16.36 -1.19
N HIS B 34 22.60 15.38 -1.74
CA HIS B 34 23.54 14.71 -0.90
C HIS B 34 24.84 15.45 -0.99
N ILE B 35 25.39 15.82 0.15
CA ILE B 35 26.63 16.56 0.17
C ILE B 35 27.49 16.28 1.39
N GLU B 36 28.79 16.46 1.27
CA GLU B 36 29.67 16.36 2.41
C GLU B 36 30.36 17.68 2.57
N ILE B 37 30.30 18.23 3.76
CA ILE B 37 30.88 19.52 4.03
C ILE B 37 31.82 19.45 5.19
N GLN B 38 32.96 20.09 5.06
CA GLN B 38 33.94 20.05 6.11
C GLN B 38 34.54 21.40 6.25
N MET B 39 35.02 21.70 7.45
CA MET B 39 35.69 22.95 7.71
C MET B 39 37.06 22.61 8.20
N LEU B 40 38.07 23.25 7.65
CA LEU B 40 39.44 22.89 7.99
C LEU B 40 40.26 24.00 8.60
N LYS B 41 41.01 23.67 9.63
CA LYS B 41 41.98 24.59 10.17
C LYS B 41 43.37 24.12 9.86
N ASN B 42 44.09 24.89 9.08
CA ASN B 42 45.42 24.46 8.80
C ASN B 42 45.34 23.08 8.24
N GLY B 43 44.37 22.86 7.39
CA GLY B 43 44.30 21.69 6.56
C GLY B 43 43.73 20.47 7.20
N LYS B 44 43.26 20.61 8.41
CA LYS B 44 42.75 19.46 9.13
C LYS B 44 41.34 19.70 9.60
N LYS B 45 40.54 18.64 9.70
CA LYS B 45 39.14 18.80 9.99
C LYS B 45 38.94 19.44 11.32
N ILE B 46 37.99 20.37 11.40
CA ILE B 46 37.62 20.97 12.66
C ILE B 46 36.47 20.16 13.17
N PRO B 47 36.66 19.53 14.29
CA PRO B 47 35.72 18.50 14.67
C PRO B 47 34.31 18.94 14.97
N LYS B 48 34.10 19.88 15.86
CA LYS B 48 32.75 20.18 16.22
C LYS B 48 32.11 21.26 15.38
N VAL B 49 31.96 21.01 14.09
CA VAL B 49 31.24 21.92 13.24
C VAL B 49 29.76 21.63 13.26
N GLU B 50 28.95 22.68 13.17
CA GLU B 50 27.50 22.55 13.25
C GLU B 50 26.81 22.95 11.94
N MET B 51 25.86 22.12 11.50
CA MET B 51 25.18 22.36 10.23
C MET B 51 23.69 22.63 10.38
N SER B 52 23.22 23.70 9.74
CA SER B 52 21.85 24.08 9.72
C SER B 52 21.12 22.96 9.07
N ASP B 53 19.81 22.99 9.10
CA ASP B 53 19.05 21.99 8.40
C ASP B 53 18.96 22.36 6.96
N MET B 54 19.02 21.40 6.09
CA MET B 54 18.96 21.67 4.67
C MET B 54 17.61 22.08 4.21
N SER B 55 17.59 22.95 3.23
CA SER B 55 16.40 23.60 2.78
C SER B 55 16.58 24.01 1.34
N PHE B 56 15.55 24.47 0.70
CA PHE B 56 15.66 24.87 -0.67
C PHE B 56 14.95 26.17 -0.91
N SER B 57 15.34 26.87 -1.92
CA SER B 57 14.79 28.16 -2.23
C SER B 57 13.65 28.05 -3.18
N LYS B 58 13.12 29.18 -3.59
CA LYS B 58 12.02 29.24 -4.50
C LYS B 58 12.36 28.65 -5.84
N ASP B 59 13.62 28.65 -6.19
CA ASP B 59 14.04 28.08 -7.45
C ASP B 59 14.41 26.65 -7.23
N TRP B 60 14.11 26.17 -6.06
CA TRP B 60 14.21 24.77 -5.75
C TRP B 60 15.62 24.36 -5.51
N SER B 61 16.53 25.33 -5.41
CA SER B 61 17.93 25.00 -5.17
C SER B 61 18.18 24.80 -3.67
N PHE B 62 18.81 23.67 -3.35
CA PHE B 62 19.14 23.33 -1.96
C PHE B 62 20.24 24.23 -1.42
N TYR B 63 20.15 24.55 -0.13
CA TYR B 63 21.18 25.32 0.51
C TYR B 63 21.39 24.89 1.92
N ILE B 64 22.57 25.05 2.43
CA ILE B 64 22.80 24.66 3.78
C ILE B 64 23.89 25.54 4.34
N LEU B 65 23.97 25.69 5.63
CA LEU B 65 24.97 26.55 6.20
C LEU B 65 25.75 25.84 7.26
N ALA B 66 27.06 25.94 7.20
CA ALA B 66 27.90 25.32 8.19
C ALA B 66 28.56 26.43 8.92
N HIS B 67 28.84 26.23 10.19
CA HIS B 67 29.52 27.22 10.98
C HIS B 67 30.28 26.63 12.13
N THR B 68 31.31 27.32 12.57
CA THR B 68 32.11 26.87 13.66
C THR B 68 32.72 28.03 14.37
N GLU B 69 33.16 27.79 15.61
CA GLU B 69 33.78 28.85 16.38
C GLU B 69 35.30 28.68 16.35
N PHE B 70 35.98 29.69 15.82
CA PHE B 70 37.42 29.68 15.70
C PHE B 70 37.95 31.09 15.92
N THR B 71 39.22 31.20 16.31
CA THR B 71 39.82 32.51 16.49
C THR B 71 40.79 32.81 15.36
N PRO B 72 40.57 33.92 14.69
CA PRO B 72 41.43 34.34 13.62
C PRO B 72 42.82 34.70 14.11
N THR B 73 43.83 34.42 13.33
CA THR B 73 45.17 34.76 13.69
C THR B 73 45.86 35.03 12.42
N GLU B 74 47.04 35.60 12.51
CA GLU B 74 47.81 36.01 11.37
C GLU B 74 48.26 34.88 10.51
N THR B 75 48.58 33.76 11.10
CA THR B 75 49.12 32.68 10.32
C THR B 75 48.25 31.47 10.09
N ASP B 76 47.16 31.37 10.82
CA ASP B 76 46.30 30.21 10.72
C ASP B 76 45.36 30.37 9.57
N THR B 77 45.19 29.32 8.78
CA THR B 77 44.33 29.32 7.60
C THR B 77 43.10 28.47 7.80
N TYR B 78 41.97 28.92 7.26
CA TYR B 78 40.71 28.20 7.41
C TYR B 78 39.99 27.98 6.10
N ALA B 79 39.23 26.88 5.98
CA ALA B 79 38.51 26.57 4.75
C ALA B 79 37.26 25.68 4.88
N CYS B 80 36.37 25.77 3.89
CA CYS B 80 35.17 24.93 3.72
C CYS B 80 35.56 24.04 2.57
N ARG B 81 35.51 22.75 2.77
CA ARG B 81 35.74 21.78 1.70
C ARG B 81 34.48 21.01 1.47
N VAL B 82 34.08 20.91 0.22
CA VAL B 82 32.79 20.35 -0.10
C VAL B 82 32.91 19.20 -1.05
N LYS B 83 32.17 18.16 -0.83
CA LYS B 83 32.18 17.04 -1.74
C LYS B 83 30.80 16.79 -2.31
N HIS B 84 30.70 16.80 -3.62
CA HIS B 84 29.43 16.63 -4.26
C HIS B 84 29.66 15.87 -5.54
N ALA B 85 28.67 15.13 -5.98
CA ALA B 85 28.79 14.25 -7.13
C ALA B 85 28.98 14.97 -8.42
N SER B 86 28.62 16.23 -8.43
CA SER B 86 28.69 16.98 -9.64
C SER B 86 30.11 17.40 -9.85
N MET B 87 30.95 17.02 -8.91
CA MET B 87 32.35 17.32 -8.93
C MET B 87 33.19 16.08 -8.80
N ALA B 88 34.14 15.93 -9.70
CA ALA B 88 35.04 14.81 -9.67
C ALA B 88 35.85 14.85 -8.42
N GLU B 89 36.20 16.05 -8.00
CA GLU B 89 37.13 16.25 -6.93
C GLU B 89 36.54 17.17 -5.92
N PRO B 90 36.90 17.03 -4.66
CA PRO B 90 36.34 17.91 -3.64
C PRO B 90 36.84 19.28 -3.87
N LYS B 91 36.05 20.29 -3.59
CA LYS B 91 36.52 21.64 -3.76
C LYS B 91 36.75 22.24 -2.41
N THR B 92 37.88 22.93 -2.24
CA THR B 92 38.17 23.55 -0.98
C THR B 92 38.29 25.02 -1.19
N VAL B 93 37.61 25.78 -0.36
CA VAL B 93 37.63 27.21 -0.48
C VAL B 93 38.20 27.82 0.75
N TYR B 94 39.09 28.77 0.57
CA TYR B 94 39.86 29.31 1.67
C TYR B 94 39.33 30.61 2.09
N TRP B 95 39.20 30.80 3.38
CA TRP B 95 38.67 32.04 3.89
C TRP B 95 39.64 33.12 3.57
N ASP B 96 39.15 34.19 2.98
CA ASP B 96 39.97 35.34 2.82
C ASP B 96 39.24 36.47 3.42
N ARG B 97 39.81 37.03 4.45
CA ARG B 97 39.11 37.99 5.26
C ARG B 97 38.93 39.31 4.60
N ASP B 98 39.57 39.50 3.46
CA ASP B 98 39.68 40.81 2.88
C ASP B 98 38.74 41.10 1.74
N MET B 99 38.05 40.09 1.28
CA MET B 99 37.11 40.29 0.21
C MET B 99 35.81 39.60 0.51
N THR C 1 -3.50 -11.68 10.69
CA THR C 1 -2.75 -11.11 11.76
C THR C 1 -3.02 -9.65 11.90
N GLN C 2 -3.14 -8.94 10.79
CA GLN C 2 -3.61 -7.56 10.82
C GLN C 2 -5.08 -7.40 10.54
N VAL C 3 -5.75 -8.46 10.12
CA VAL C 3 -7.19 -8.44 9.99
C VAL C 3 -7.74 -9.63 10.69
N GLU C 4 -8.69 -9.42 11.60
CA GLU C 4 -9.24 -10.53 12.39
C GLU C 4 -10.77 -10.70 12.28
N GLN C 5 -11.21 -11.94 12.05
CA GLN C 5 -12.64 -12.26 11.97
C GLN C 5 -13.07 -13.41 12.89
N SER C 6 -14.18 -13.21 13.61
CA SER C 6 -14.75 -14.24 14.48
C SER C 6 -16.28 -14.23 14.43
N PRO C 7 -16.92 -15.35 14.75
CA PRO C 7 -16.24 -16.59 15.12
C PRO C 7 -15.61 -17.33 13.94
N GLN C 8 -14.61 -18.16 14.22
CA GLN C 8 -13.99 -18.97 13.22
C GLN C 8 -15.03 -19.70 12.41
N SER C 9 -16.11 -20.09 13.05
CA SER C 9 -17.15 -20.81 12.39
C SER C 9 -18.45 -20.43 13.02
N LEU C 10 -19.50 -20.28 12.25
CA LEU C 10 -20.78 -19.92 12.82
C LEU C 10 -21.90 -20.77 12.31
N VAL C 11 -22.77 -21.20 13.20
CA VAL C 11 -23.93 -22.00 12.82
C VAL C 11 -25.23 -21.30 13.04
N VAL C 12 -26.11 -21.35 12.06
CA VAL C 12 -27.34 -20.66 12.17
C VAL C 12 -28.44 -21.48 11.59
N ARG C 13 -29.64 -21.24 12.07
CA ARG C 13 -30.82 -21.94 11.65
C ARG C 13 -31.48 -21.17 10.55
N GLN C 14 -31.93 -21.88 9.54
CA GLN C 14 -32.39 -21.25 8.35
C GLN C 14 -33.51 -20.29 8.69
N GLY C 15 -33.45 -19.11 8.11
CA GLY C 15 -34.42 -18.05 8.31
C GLY C 15 -34.02 -17.12 9.41
N GLU C 16 -33.07 -17.52 10.21
CA GLU C 16 -32.58 -16.67 11.25
C GLU C 16 -31.63 -15.65 10.68
N ASN C 17 -31.16 -14.76 11.51
CA ASN C 17 -30.28 -13.74 11.05
C ASN C 17 -28.99 -13.99 11.70
N SER C 18 -27.90 -13.80 10.98
CA SER C 18 -26.62 -14.07 11.53
C SER C 18 -25.73 -12.89 11.36
N VAL C 19 -24.76 -12.76 12.24
CA VAL C 19 -23.90 -11.63 12.28
C VAL C 19 -22.45 -12.07 12.26
N LEU C 20 -21.61 -11.47 11.45
CA LEU C 20 -20.19 -11.82 11.38
C LEU C 20 -19.28 -10.65 11.67
N GLN C 21 -18.10 -10.87 12.23
CA GLN C 21 -17.24 -9.79 12.66
C GLN C 21 -15.84 -9.68 12.08
N CYS C 22 -15.39 -8.45 11.81
CA CYS C 22 -14.03 -8.12 11.36
C CYS C 22 -13.49 -7.05 12.25
N ASN C 23 -12.31 -7.22 12.81
CA ASN C 23 -11.64 -6.17 13.53
C ASN C 23 -10.28 -6.13 12.92
N TYR C 24 -9.65 -4.97 12.83
CA TYR C 24 -8.42 -4.86 12.06
C TYR C 24 -7.45 -3.85 12.59
N SER C 25 -6.18 -4.00 12.24
CA SER C 25 -5.16 -3.08 12.69
C SER C 25 -4.48 -2.29 11.62
N VAL C 26 -4.80 -2.50 10.38
CA VAL C 26 -4.05 -1.91 9.31
C VAL C 26 -4.23 -0.42 9.14
N THR C 27 -3.16 0.25 8.75
CA THR C 27 -3.16 1.65 8.48
C THR C 27 -2.41 1.94 7.24
N PRO C 28 -2.94 2.77 6.37
CA PRO C 28 -4.23 3.44 6.51
C PRO C 28 -5.34 2.48 6.18
N ASP C 29 -6.58 2.90 6.30
CA ASP C 29 -7.68 2.03 6.00
C ASP C 29 -8.65 2.73 5.10
N ASN C 30 -8.40 2.72 3.81
CA ASN C 30 -9.28 3.41 2.91
C ASN C 30 -10.64 2.79 2.91
N HIS C 31 -10.70 1.48 2.85
CA HIS C 31 -11.96 0.83 2.77
C HIS C 31 -11.92 -0.54 3.33
N LEU C 32 -13.09 -1.09 3.60
CA LEU C 32 -13.27 -2.45 4.02
C LEU C 32 -14.34 -3.06 3.18
N ARG C 33 -14.17 -4.30 2.80
CA ARG C 33 -15.14 -4.95 1.97
C ARG C 33 -15.24 -6.42 2.31
N TRP C 34 -16.34 -7.03 1.95
CA TRP C 34 -16.66 -8.37 2.35
C TRP C 34 -16.82 -9.22 1.14
N PHE C 35 -16.37 -10.47 1.19
CA PHE C 35 -16.48 -11.38 0.06
C PHE C 35 -17.10 -12.68 0.50
N LYS C 36 -17.76 -13.35 -0.40
CA LYS C 36 -18.26 -14.67 -0.12
C LYS C 36 -17.58 -15.60 -1.05
N GLN C 37 -16.99 -16.64 -0.50
CA GLN C 37 -16.39 -17.67 -1.32
C GLN C 37 -17.02 -19.01 -1.11
N ASP C 38 -17.62 -19.55 -2.15
CA ASP C 38 -18.11 -20.91 -2.14
C ASP C 38 -16.95 -21.85 -2.32
N THR C 39 -17.02 -23.01 -1.68
CA THR C 39 -15.94 -23.97 -1.78
C THR C 39 -15.82 -24.39 -3.24
N GLY C 40 -14.58 -24.47 -3.73
CA GLY C 40 -14.34 -24.82 -5.09
C GLY C 40 -14.56 -23.63 -5.93
N LYS C 41 -14.55 -22.47 -5.31
CA LYS C 41 -14.85 -21.28 -6.06
C LYS C 41 -14.10 -20.04 -5.64
N GLY C 42 -14.31 -18.97 -6.39
CA GLY C 42 -13.67 -17.70 -6.18
C GLY C 42 -14.42 -16.81 -5.27
N LEU C 43 -13.93 -15.59 -5.12
CA LEU C 43 -14.56 -14.59 -4.28
C LEU C 43 -15.58 -13.80 -5.01
N VAL C 44 -16.69 -13.54 -4.34
CA VAL C 44 -17.74 -12.70 -4.87
C VAL C 44 -17.90 -11.50 -4.00
N SER C 45 -18.02 -10.32 -4.57
CA SER C 45 -18.08 -9.13 -3.76
C SER C 45 -19.44 -8.91 -3.22
N LEU C 46 -19.53 -8.77 -1.91
CA LEU C 46 -20.79 -8.50 -1.27
C LEU C 46 -21.02 -7.03 -1.09
N THR C 47 -20.30 -6.37 -0.21
CA THR C 47 -20.51 -4.95 -0.02
C THR C 47 -19.20 -4.22 0.19
N VAL C 48 -19.12 -2.94 -0.17
CA VAL C 48 -17.91 -2.18 0.03
C VAL C 48 -18.12 -0.91 0.84
N LEU C 49 -17.36 -0.70 1.91
CA LEU C 49 -17.58 0.45 2.77
C LEU C 49 -16.44 1.41 2.77
N VAL C 50 -16.70 2.66 2.45
CA VAL C 50 -15.67 3.66 2.34
C VAL C 50 -15.53 4.64 3.47
N ASP C 51 -16.65 5.08 4.02
CA ASP C 51 -16.68 6.18 4.94
C ASP C 51 -16.33 5.81 6.34
N GLN C 52 -16.09 6.83 7.14
CA GLN C 52 -15.65 6.70 8.51
C GLN C 52 -16.64 6.03 9.39
N LYS C 53 -17.89 6.40 9.25
CA LYS C 53 -18.99 5.57 9.64
C LYS C 53 -19.83 5.40 8.41
N ASP C 54 -20.03 4.16 8.00
CA ASP C 54 -20.74 3.85 6.78
C ASP C 54 -21.65 2.68 6.96
N LYS C 55 -22.66 2.57 6.11
CA LYS C 55 -23.48 1.40 6.06
C LYS C 55 -23.80 1.13 4.63
N THR C 56 -23.85 -0.13 4.25
CA THR C 56 -24.29 -0.51 2.92
C THR C 56 -25.07 -1.77 2.92
N SER C 57 -25.88 -1.96 1.91
CA SER C 57 -26.54 -3.20 1.77
C SER C 57 -26.51 -3.62 0.35
N ASN C 58 -26.34 -4.90 0.13
CA ASN C 58 -26.54 -5.46 -1.16
C ASN C 58 -27.49 -6.59 -1.01
N GLY C 59 -28.75 -6.40 -1.36
CA GLY C 59 -29.72 -7.45 -1.18
C GLY C 59 -29.96 -7.83 0.25
N ARG C 60 -29.72 -9.09 0.54
CA ARG C 60 -29.97 -9.67 1.83
C ARG C 60 -28.77 -9.52 2.70
N TYR C 61 -27.81 -8.76 2.23
CA TYR C 61 -26.55 -8.51 2.90
C TYR C 61 -26.45 -7.08 3.37
N SER C 62 -26.04 -6.93 4.62
CA SER C 62 -25.86 -5.60 5.22
C SER C 62 -24.55 -5.56 5.99
N ALA C 63 -23.82 -4.46 5.87
CA ALA C 63 -22.58 -4.28 6.62
C ALA C 63 -22.46 -2.87 7.17
N THR C 64 -21.81 -2.72 8.31
CA THR C 64 -21.51 -1.42 8.85
C THR C 64 -20.04 -1.33 9.15
N LEU C 65 -19.46 -0.15 9.09
CA LEU C 65 -18.07 0.02 9.44
C LEU C 65 -17.87 1.13 10.45
N ASP C 66 -17.07 0.91 11.48
CA ASP C 66 -16.64 2.03 12.30
C ASP C 66 -15.17 2.13 12.24
N LYS C 67 -14.71 3.09 11.48
CA LYS C 67 -13.31 3.30 11.26
C LYS C 67 -12.62 3.68 12.52
N ASP C 68 -13.32 4.37 13.38
CA ASP C 68 -12.79 4.74 14.65
C ASP C 68 -12.51 3.51 15.44
N ALA C 69 -13.39 2.54 15.36
CA ALA C 69 -13.20 1.33 16.13
C ALA C 69 -12.47 0.29 15.36
N LYS C 70 -12.17 0.60 14.12
CA LYS C 70 -11.46 -0.33 13.32
C LYS C 70 -12.23 -1.60 13.37
N HIS C 71 -13.53 -1.50 13.21
CA HIS C 71 -14.36 -2.67 13.33
C HIS C 71 -15.47 -2.70 12.29
N SER C 72 -15.84 -3.87 11.82
CA SER C 72 -16.96 -3.99 10.90
C SER C 72 -17.79 -5.22 11.16
N THR C 73 -19.06 -5.17 10.82
CA THR C 73 -19.95 -6.29 10.94
C THR C 73 -20.77 -6.48 9.69
N LEU C 74 -21.09 -7.72 9.38
CA LEU C 74 -21.86 -8.05 8.23
C LEU C 74 -23.10 -8.79 8.67
N HIS C 75 -24.21 -8.44 8.08
CA HIS C 75 -25.46 -9.00 8.48
C HIS C 75 -26.04 -9.77 7.35
N ILE C 76 -26.50 -10.97 7.62
CA ILE C 76 -27.27 -11.69 6.64
C ILE C 76 -28.64 -11.89 7.18
N THR C 77 -29.63 -11.52 6.40
CA THR C 77 -30.99 -11.47 6.86
C THR C 77 -31.78 -12.60 6.25
N ALA C 78 -32.50 -13.33 7.08
CA ALA C 78 -33.31 -14.40 6.57
C ALA C 78 -32.44 -15.31 5.81
N THR C 79 -31.49 -15.91 6.50
CA THR C 79 -30.47 -16.67 5.87
C THR C 79 -31.00 -17.90 5.17
N LEU C 80 -30.51 -18.14 3.96
CA LEU C 80 -30.86 -19.26 3.13
C LEU C 80 -29.75 -20.27 3.17
N LEU C 81 -30.00 -21.42 2.61
CA LEU C 81 -29.01 -22.48 2.58
C LEU C 81 -27.79 -22.15 1.76
N ASP C 82 -27.97 -21.30 0.77
CA ASP C 82 -26.92 -20.95 -0.15
C ASP C 82 -25.84 -20.14 0.50
N ASP C 83 -26.14 -19.67 1.71
CA ASP C 83 -25.32 -18.68 2.43
C ASP C 83 -24.22 -19.31 3.28
N THR C 84 -24.11 -20.62 3.19
CA THR C 84 -23.15 -21.38 4.00
C THR C 84 -21.71 -20.97 3.74
N ALA C 85 -21.41 -20.63 2.49
CA ALA C 85 -20.03 -20.41 2.06
C ALA C 85 -19.28 -19.31 2.82
N THR C 86 -18.01 -19.60 3.09
CA THR C 86 -17.09 -18.77 3.87
C THR C 86 -17.13 -17.25 3.58
N TYR C 87 -16.94 -16.43 4.59
CA TYR C 87 -17.07 -14.99 4.43
C TYR C 87 -15.79 -14.26 4.82
N ILE C 88 -15.27 -13.41 3.94
CA ILE C 88 -13.95 -12.81 4.10
C ILE C 88 -13.91 -11.30 4.20
N CYS C 89 -13.24 -10.75 5.22
CA CYS C 89 -13.15 -9.30 5.46
C CYS C 89 -11.81 -8.79 4.97
N VAL C 90 -11.82 -7.87 4.04
CA VAL C 90 -10.60 -7.36 3.44
C VAL C 90 -10.47 -5.88 3.60
N VAL C 91 -9.28 -5.42 3.89
CA VAL C 91 -9.05 -4.01 4.06
C VAL C 91 -8.04 -3.50 3.07
N GLY C 92 -8.36 -2.39 2.44
CA GLY C 92 -7.48 -1.77 1.48
C GLY C 92 -6.85 -0.54 2.07
N ASP C 93 -5.54 -0.43 1.94
CA ASP C 93 -4.82 0.64 2.58
C ASP C 93 -4.59 1.89 1.76
N ARG C 94 -5.01 1.93 0.53
CA ARG C 94 -4.92 3.16 -0.20
C ARG C 94 -6.16 3.38 -0.96
N GLY C 95 -6.38 4.63 -1.33
CA GLY C 95 -7.53 5.03 -2.10
C GLY C 95 -7.24 5.16 -3.56
N SER C 96 -6.03 4.77 -3.92
CA SER C 96 -5.55 4.79 -5.27
C SER C 96 -5.08 3.43 -5.53
N ALA C 97 -4.85 3.12 -6.79
CA ALA C 97 -4.58 1.77 -7.22
C ALA C 97 -3.23 1.28 -6.80
N LEU C 98 -2.50 2.13 -6.11
CA LEU C 98 -1.21 1.85 -5.59
C LEU C 98 -1.26 1.03 -4.34
N GLY C 99 -2.43 0.90 -3.76
CA GLY C 99 -2.64 0.21 -2.51
C GLY C 99 -2.61 -1.29 -2.54
N ARG C 100 -2.57 -1.87 -1.36
CA ARG C 100 -2.59 -3.31 -1.21
C ARG C 100 -3.74 -3.74 -0.35
N LEU C 101 -4.15 -4.97 -0.55
CA LEU C 101 -5.31 -5.49 0.11
C LEU C 101 -4.89 -6.46 1.15
N HIS C 102 -5.50 -6.35 2.31
CA HIS C 102 -5.16 -7.16 3.46
C HIS C 102 -6.28 -8.06 3.77
N PHE C 103 -6.01 -9.36 3.77
CA PHE C 103 -7.02 -10.36 3.76
C PHE C 103 -7.12 -11.08 5.07
N GLY C 104 -8.34 -11.27 5.53
CA GLY C 104 -8.63 -12.06 6.70
C GLY C 104 -8.79 -13.51 6.38
N ALA C 105 -8.61 -14.34 7.39
CA ALA C 105 -8.71 -15.77 7.26
C ALA C 105 -10.10 -16.25 6.89
N GLY C 106 -11.12 -15.56 7.34
CA GLY C 106 -12.47 -15.92 7.01
C GLY C 106 -13.26 -16.57 8.10
N THR C 107 -14.58 -16.55 7.92
CA THR C 107 -15.50 -17.20 8.81
C THR C 107 -16.37 -18.16 8.02
N GLN C 108 -16.49 -19.39 8.46
CA GLN C 108 -17.27 -20.33 7.72
C GLN C 108 -18.63 -20.43 8.32
N LEU C 109 -19.65 -20.28 7.51
CA LEU C 109 -21.00 -20.31 7.99
C LEU C 109 -21.65 -21.56 7.53
N ILE C 110 -22.31 -22.24 8.45
CA ILE C 110 -23.03 -23.45 8.14
C ILE C 110 -24.46 -23.17 8.41
N VAL C 111 -25.31 -23.33 7.43
CA VAL C 111 -26.70 -23.05 7.65
C VAL C 111 -27.46 -24.33 7.71
N ILE C 112 -28.28 -24.50 8.74
CA ILE C 112 -28.97 -25.76 8.92
C ILE C 112 -30.47 -25.65 8.77
N PRO C 113 -31.06 -26.64 8.17
CA PRO C 113 -32.47 -26.59 7.80
C PRO C 113 -33.39 -26.71 8.98
N ASP C 114 -34.61 -26.21 8.82
CA ASP C 114 -35.61 -26.33 9.86
C ASP C 114 -36.63 -27.30 9.35
N ILE C 115 -36.72 -28.46 9.98
CA ILE C 115 -37.50 -29.52 9.39
C ILE C 115 -38.91 -29.52 9.88
N GLN C 116 -39.07 -29.89 11.13
CA GLN C 116 -40.31 -29.73 11.86
C GLN C 116 -41.36 -30.76 11.44
N ASN C 117 -41.00 -31.61 10.49
CA ASN C 117 -41.78 -32.78 10.17
C ASN C 117 -40.90 -33.99 9.89
N PRO C 118 -40.18 -34.42 10.89
CA PRO C 118 -39.23 -35.50 10.74
C PRO C 118 -39.87 -36.85 10.67
N ASP C 119 -39.51 -37.64 9.68
CA ASP C 119 -40.07 -38.96 9.52
C ASP C 119 -38.95 -39.94 9.31
N PRO C 120 -38.18 -40.20 10.34
CA PRO C 120 -36.89 -40.85 10.15
C PRO C 120 -37.01 -42.24 9.57
N ALA C 121 -36.32 -42.50 8.47
CA ALA C 121 -36.32 -43.80 7.85
C ALA C 121 -34.99 -44.07 7.20
N VAL C 122 -34.66 -45.35 7.07
CA VAL C 122 -33.50 -45.80 6.33
C VAL C 122 -33.92 -46.88 5.38
N TYR C 123 -33.46 -46.82 4.16
CA TYR C 123 -33.92 -47.76 3.17
C TYR C 123 -32.72 -48.35 2.49
N GLN C 124 -32.92 -49.47 1.81
CA GLN C 124 -31.88 -50.05 1.01
C GLN C 124 -32.33 -49.90 -0.40
N LEU C 125 -31.46 -49.38 -1.25
CA LEU C 125 -31.81 -49.24 -2.64
C LEU C 125 -30.98 -50.17 -3.47
N ARG C 126 -31.67 -51.01 -4.20
CA ARG C 126 -31.03 -51.92 -5.08
C ARG C 126 -30.44 -51.00 -6.10
N ASP C 127 -29.22 -51.30 -6.51
CA ASP C 127 -28.53 -50.37 -7.37
C ASP C 127 -28.47 -50.97 -8.69
N SER C 128 -29.08 -50.39 -9.71
CA SER C 128 -28.83 -51.05 -10.97
C SER C 128 -27.65 -50.42 -11.67
N LYS C 129 -27.49 -50.73 -12.95
CA LYS C 129 -28.57 -51.32 -13.72
C LYS C 129 -29.02 -52.66 -13.14
N SER C 130 -28.05 -53.44 -12.68
CA SER C 130 -28.28 -54.83 -12.28
C SER C 130 -27.64 -55.25 -10.95
N SER C 131 -26.32 -55.37 -10.99
CA SER C 131 -25.60 -56.02 -9.92
C SER C 131 -25.67 -55.19 -8.68
N ASP C 132 -26.01 -55.79 -7.54
CA ASP C 132 -26.10 -54.98 -6.32
C ASP C 132 -25.04 -55.35 -5.29
N LYS C 133 -24.20 -54.38 -4.90
CA LYS C 133 -24.35 -52.98 -5.30
C LYS C 133 -25.60 -52.24 -4.81
N SER C 134 -26.03 -52.52 -3.59
CA SER C 134 -27.13 -51.79 -2.96
C SER C 134 -26.69 -51.04 -1.70
N VAL C 135 -27.04 -49.76 -1.60
CA VAL C 135 -26.66 -48.94 -0.46
C VAL C 135 -27.81 -48.74 0.52
N CYS C 136 -27.47 -48.47 1.78
CA CYS C 136 -28.46 -48.20 2.81
C CYS C 136 -28.36 -46.74 3.23
N LEU C 137 -29.49 -46.04 3.18
CA LEU C 137 -29.52 -44.62 3.48
C LEU C 137 -30.43 -44.28 4.65
N PHE C 138 -29.94 -43.45 5.56
CA PHE C 138 -30.76 -42.96 6.66
C PHE C 138 -31.17 -41.54 6.32
N THR C 139 -32.47 -41.28 6.33
CA THR C 139 -33.00 -40.04 5.86
C THR C 139 -34.15 -39.46 6.65
N ASP C 140 -34.38 -38.18 6.47
CA ASP C 140 -35.51 -37.47 7.03
C ASP C 140 -35.46 -37.23 8.50
N PHE C 141 -34.29 -37.36 9.07
CA PHE C 141 -34.18 -37.15 10.49
C PHE C 141 -34.11 -35.68 10.63
N ASP C 142 -33.69 -35.22 11.80
CA ASP C 142 -33.67 -33.82 12.11
C ASP C 142 -32.32 -33.38 12.64
N SER C 143 -32.13 -32.08 12.69
CA SER C 143 -30.86 -31.45 12.78
C SER C 143 -30.15 -31.87 14.01
N GLN C 144 -30.90 -32.08 15.06
CA GLN C 144 -30.29 -32.39 16.32
C GLN C 144 -29.53 -33.65 16.08
N THR C 145 -30.11 -34.54 15.31
CA THR C 145 -29.45 -35.78 15.03
C THR C 145 -28.19 -35.53 14.26
N ASN C 146 -27.08 -36.08 14.74
CA ASN C 146 -25.82 -36.00 14.04
C ASN C 146 -25.27 -37.38 13.79
N VAL C 147 -24.94 -37.66 12.53
CA VAL C 147 -24.32 -38.93 12.15
C VAL C 147 -22.87 -38.97 12.53
N SER C 148 -22.41 -40.06 13.10
CA SER C 148 -21.00 -40.13 13.45
C SER C 148 -20.26 -41.14 12.61
N GLN C 149 -19.10 -40.73 12.13
CA GLN C 149 -18.36 -41.51 11.17
C GLN C 149 -17.90 -42.84 11.75
N SER C 150 -18.16 -43.92 11.03
CA SER C 150 -17.91 -45.25 11.57
C SER C 150 -16.43 -45.56 11.73
N LYS C 151 -16.07 -46.06 12.90
CA LYS C 151 -14.68 -46.38 13.13
C LYS C 151 -14.41 -47.75 12.55
N ASP C 152 -14.70 -47.90 11.27
CA ASP C 152 -14.52 -49.19 10.65
C ASP C 152 -13.84 -49.27 9.30
N SER C 153 -12.92 -50.22 9.15
CA SER C 153 -12.14 -50.29 7.92
C SER C 153 -12.96 -50.59 6.66
N ASP C 154 -13.84 -51.58 6.76
CA ASP C 154 -14.70 -52.00 5.65
C ASP C 154 -15.76 -50.96 5.25
N VAL C 155 -16.33 -50.31 6.25
CA VAL C 155 -17.62 -49.66 6.19
C VAL C 155 -17.54 -48.19 5.91
N TYR C 156 -18.44 -47.71 5.05
CA TYR C 156 -18.44 -46.31 4.65
C TYR C 156 -19.72 -45.55 4.95
N ILE C 157 -19.60 -44.44 5.67
CA ILE C 157 -20.77 -43.62 5.92
C ILE C 157 -20.61 -42.18 5.50
N THR C 158 -21.54 -41.71 4.69
CA THR C 158 -21.55 -40.35 4.23
C THR C 158 -21.90 -39.45 5.36
N ASP C 159 -21.35 -38.26 5.40
CA ASP C 159 -21.84 -37.27 6.34
C ASP C 159 -23.15 -36.72 5.85
N LYS C 160 -23.89 -36.01 6.70
CA LYS C 160 -25.22 -35.57 6.33
C LYS C 160 -25.25 -34.44 5.32
N CYS C 161 -26.22 -34.52 4.40
CA CYS C 161 -26.43 -33.48 3.40
C CYS C 161 -27.90 -33.10 3.36
N VAL C 162 -28.19 -31.87 2.95
CA VAL C 162 -29.53 -31.36 2.90
C VAL C 162 -29.87 -30.97 1.50
N LEU C 163 -31.01 -31.39 1.00
CA LEU C 163 -31.44 -31.01 -0.31
C LEU C 163 -32.80 -30.40 -0.20
N ASP C 164 -33.11 -29.43 -1.03
CA ASP C 164 -34.33 -28.71 -0.92
C ASP C 164 -35.11 -28.94 -2.18
N MET C 165 -36.31 -29.48 -2.05
CA MET C 165 -37.15 -29.68 -3.20
C MET C 165 -37.94 -28.42 -3.36
N ARG C 166 -37.38 -27.48 -4.12
CA ARG C 166 -38.04 -26.22 -4.41
C ARG C 166 -39.31 -26.52 -5.20
N SER C 167 -40.36 -25.76 -4.92
CA SER C 167 -41.65 -25.99 -5.54
C SER C 167 -42.43 -27.07 -4.79
N MET C 168 -41.86 -27.57 -3.69
CA MET C 168 -42.59 -28.45 -2.83
C MET C 168 -42.32 -27.87 -1.49
N ASP C 169 -41.34 -27.00 -1.44
CA ASP C 169 -40.97 -26.37 -0.20
C ASP C 169 -40.67 -27.40 0.86
N PHE C 170 -39.89 -28.40 0.49
CA PHE C 170 -39.52 -29.45 1.41
C PHE C 170 -38.03 -29.63 1.44
N LYS C 171 -37.50 -29.91 2.61
CA LYS C 171 -36.09 -30.15 2.79
C LYS C 171 -35.93 -31.37 3.65
N SER C 172 -34.90 -32.16 3.37
CA SER C 172 -34.62 -33.36 4.13
C SER C 172 -33.15 -33.60 4.37
N ASN C 173 -32.78 -34.04 5.56
CA ASN C 173 -31.43 -34.53 5.78
C ASN C 173 -31.25 -35.93 5.23
N SER C 174 -30.04 -36.32 4.91
CA SER C 174 -29.81 -37.67 4.43
C SER C 174 -28.40 -38.09 4.64
N ALA C 175 -28.18 -39.39 4.79
CA ALA C 175 -26.84 -39.92 4.92
C ALA C 175 -26.74 -41.26 4.22
N VAL C 176 -25.56 -41.63 3.76
CA VAL C 176 -25.41 -42.88 3.05
C VAL C 176 -24.29 -43.76 3.58
N ALA C 177 -24.50 -45.07 3.52
CA ALA C 177 -23.52 -46.05 3.94
C ALA C 177 -23.52 -47.25 3.04
N TRP C 178 -22.33 -47.81 2.88
CA TRP C 178 -22.14 -49.01 2.07
C TRP C 178 -20.87 -49.73 2.50
N SER C 179 -20.59 -50.84 1.81
CA SER C 179 -19.42 -51.66 2.08
C SER C 179 -19.36 -52.76 1.05
N ALA C 185 -26.87 -55.62 6.74
CA ALA C 185 -26.26 -54.73 7.74
C ALA C 185 -26.90 -53.35 7.72
N CYS C 186 -27.89 -53.18 6.85
CA CYS C 186 -28.60 -51.91 6.73
C CYS C 186 -29.32 -51.55 8.02
N ALA C 187 -29.93 -52.56 8.64
CA ALA C 187 -30.66 -52.36 9.88
C ALA C 187 -29.74 -51.89 11.00
N ASN C 188 -28.54 -52.48 11.05
CA ASN C 188 -27.56 -52.12 12.07
C ASN C 188 -26.47 -51.23 11.52
N ALA C 189 -26.75 -50.56 10.41
CA ALA C 189 -25.78 -49.66 9.76
C ALA C 189 -25.37 -48.39 10.53
N PHE C 190 -26.31 -47.69 11.15
CA PHE C 190 -25.94 -46.49 11.95
C PHE C 190 -26.24 -46.53 13.46
N ASN C 191 -25.16 -46.35 14.21
CA ASN C 191 -25.13 -46.44 15.66
C ASN C 191 -23.92 -45.61 16.02
N ASN C 192 -23.82 -45.18 17.28
CA ASN C 192 -22.80 -44.21 17.59
C ASN C 192 -23.32 -43.22 18.61
N SER C 193 -23.05 -41.95 18.36
CA SER C 193 -23.40 -40.91 19.29
C SER C 193 -24.91 -40.89 19.51
N ILE C 194 -25.69 -40.95 18.45
CA ILE C 194 -27.13 -40.91 18.62
C ILE C 194 -27.89 -41.49 17.43
N ILE C 195 -29.05 -42.04 17.71
CA ILE C 195 -29.90 -42.61 16.67
C ILE C 195 -31.37 -42.33 16.96
N PRO C 196 -32.21 -42.30 15.94
CA PRO C 196 -33.63 -41.99 16.12
C PRO C 196 -34.51 -43.23 16.31
N GLU C 197 -35.27 -43.25 17.41
CA GLU C 197 -36.08 -44.41 17.80
C GLU C 197 -37.22 -44.85 16.87
N ASP C 198 -37.90 -43.91 16.23
CA ASP C 198 -38.95 -44.29 15.29
C ASP C 198 -38.40 -45.14 14.12
N THR C 199 -37.22 -44.78 13.63
CA THR C 199 -36.47 -45.56 12.64
C THR C 199 -37.19 -46.71 11.91
N PHE C 200 -38.15 -46.32 11.10
CA PHE C 200 -38.87 -47.10 10.13
C PHE C 200 -37.92 -47.94 9.29
N PHE C 201 -38.38 -49.08 8.77
CA PHE C 201 -37.55 -49.94 7.90
C PHE C 201 -38.38 -50.74 6.93
N GLY D 3 -18.00 -5.75 -17.74
CA GLY D 3 -18.37 -6.64 -18.84
C GLY D 3 -17.34 -7.66 -19.29
N GLY D 4 -17.04 -8.62 -18.43
CA GLY D 4 -15.98 -9.56 -18.68
C GLY D 4 -16.04 -10.74 -17.77
N ILE D 5 -15.11 -11.65 -17.98
CA ILE D 5 -14.80 -12.65 -17.00
C ILE D 5 -13.34 -12.61 -16.86
N ILE D 6 -12.87 -13.13 -15.76
CA ILE D 6 -11.49 -13.34 -15.56
C ILE D 6 -11.46 -14.79 -15.32
N THR D 7 -10.71 -15.52 -16.11
CA THR D 7 -10.71 -16.94 -15.99
C THR D 7 -9.35 -17.55 -15.81
N GLN D 8 -9.14 -18.27 -14.73
CA GLN D 8 -7.93 -19.03 -14.56
C GLN D 8 -8.04 -20.38 -15.22
N THR D 9 -6.99 -20.84 -15.86
CA THR D 9 -6.91 -22.19 -16.30
C THR D 9 -5.58 -22.72 -15.89
N PRO D 10 -5.46 -23.98 -15.53
CA PRO D 10 -6.55 -24.94 -15.42
C PRO D 10 -7.32 -24.88 -14.14
N LYS D 11 -8.50 -25.42 -14.18
CA LYS D 11 -9.32 -25.54 -13.01
C LYS D 11 -8.68 -26.46 -12.00
N PHE D 12 -8.17 -27.58 -12.46
CA PHE D 12 -7.60 -28.56 -11.59
C PHE D 12 -6.22 -28.91 -12.11
N LEU D 13 -5.26 -29.14 -11.23
CA LEU D 13 -3.89 -29.42 -11.63
C LEU D 13 -3.30 -30.62 -10.93
N ILE D 14 -2.63 -31.49 -11.67
CA ILE D 14 -1.95 -32.63 -11.07
C ILE D 14 -0.46 -32.52 -11.31
N GLY D 15 0.31 -32.80 -10.28
CA GLY D 15 1.73 -32.60 -10.35
C GLY D 15 2.54 -33.63 -9.61
N GLN D 16 3.84 -33.62 -9.89
CA GLN D 16 4.76 -34.53 -9.29
C GLN D 16 5.85 -33.74 -8.61
N GLU D 17 6.39 -34.23 -7.52
CA GLU D 17 7.34 -33.44 -6.79
C GLU D 17 8.45 -33.09 -7.71
N GLY D 18 8.86 -31.83 -7.65
CA GLY D 18 9.96 -31.29 -8.39
C GLY D 18 9.52 -30.92 -9.78
N GLN D 19 8.26 -31.14 -10.09
CA GLN D 19 7.75 -30.76 -11.39
C GLN D 19 7.59 -29.26 -11.45
N LYS D 20 7.48 -28.75 -12.67
CA LYS D 20 7.21 -27.33 -12.86
C LYS D 20 5.79 -27.17 -13.42
N LEU D 21 4.98 -26.37 -12.75
CA LEU D 21 3.59 -26.19 -13.15
C LEU D 21 3.31 -24.72 -13.50
N THR D 22 2.71 -24.51 -14.66
CA THR D 22 2.38 -23.16 -15.10
C THR D 22 0.87 -22.99 -15.28
N LEU D 23 0.34 -21.93 -14.67
CA LEU D 23 -1.08 -21.58 -14.81
C LEU D 23 -1.36 -20.20 -15.39
N LYS D 24 -2.49 -20.02 -16.06
CA LYS D 24 -2.83 -18.74 -16.71
C LYS D 24 -4.06 -18.05 -16.15
N CYS D 25 -4.09 -16.73 -16.25
CA CYS D 25 -5.25 -15.95 -15.88
C CYS D 25 -5.71 -15.13 -17.09
N GLN D 26 -6.99 -15.22 -17.42
CA GLN D 26 -7.51 -14.46 -18.55
C GLN D 26 -8.48 -13.39 -18.07
N GLN D 27 -8.16 -12.12 -18.38
CA GLN D 27 -9.01 -11.00 -17.97
C GLN D 27 -9.42 -10.13 -19.15
N ASN D 28 -10.72 -9.88 -19.28
CA ASN D 28 -11.24 -9.06 -20.38
C ASN D 28 -11.76 -7.67 -19.99
N PHE D 29 -11.55 -7.24 -18.75
CA PHE D 29 -12.16 -6.02 -18.28
C PHE D 29 -11.36 -4.82 -18.65
N ASN D 30 -10.27 -5.01 -19.37
CA ASN D 30 -9.38 -3.92 -19.71
C ASN D 30 -8.55 -3.46 -18.54
N HIS D 31 -8.30 -4.36 -17.62
CA HIS D 31 -7.63 -4.06 -16.38
C HIS D 31 -6.15 -4.14 -16.54
N ASP D 32 -5.46 -3.09 -16.15
CA ASP D 32 -4.02 -3.08 -16.13
C ASP D 32 -3.31 -3.96 -15.11
N THR D 33 -3.72 -3.85 -13.87
CA THR D 33 -3.22 -4.63 -12.76
C THR D 33 -3.68 -6.07 -12.73
N MET D 34 -2.81 -7.00 -12.37
CA MET D 34 -3.20 -8.37 -12.20
C MET D 34 -2.43 -9.04 -11.09
N TYR D 35 -3.03 -10.02 -10.44
CA TYR D 35 -2.45 -10.63 -9.26
C TYR D 35 -2.50 -12.13 -9.22
N TRP D 36 -1.59 -12.73 -8.48
CA TRP D 36 -1.71 -14.12 -8.15
C TRP D 36 -1.63 -14.26 -6.66
N TYR D 37 -2.59 -14.95 -6.08
CA TYR D 37 -2.70 -15.06 -4.65
C TYR D 37 -2.65 -16.51 -4.30
N ARG D 38 -2.28 -16.92 -3.13
CA ARG D 38 -2.45 -18.28 -2.69
C ARG D 38 -3.43 -18.35 -1.55
N GLN D 39 -4.29 -19.35 -1.53
CA GLN D 39 -5.11 -19.53 -0.34
C GLN D 39 -4.62 -20.71 0.50
N ASP D 40 -4.27 -20.47 1.77
CA ASP D 40 -3.90 -21.58 2.60
C ASP D 40 -4.88 -21.58 3.72
N SER D 41 -5.48 -22.72 3.94
CA SER D 41 -6.69 -22.80 4.71
C SER D 41 -6.46 -22.26 6.08
N GLY D 42 -7.31 -21.33 6.47
CA GLY D 42 -7.26 -20.77 7.78
C GLY D 42 -6.26 -19.66 7.90
N LYS D 43 -5.66 -19.26 6.80
CA LYS D 43 -4.70 -18.18 6.90
C LYS D 43 -5.03 -16.92 6.14
N GLY D 44 -5.76 -17.03 5.04
CA GLY D 44 -6.06 -15.83 4.32
C GLY D 44 -5.12 -15.61 3.19
N LEU D 45 -5.50 -14.80 2.23
CA LEU D 45 -4.77 -14.68 0.99
C LEU D 45 -3.46 -13.93 1.10
N ARG D 46 -2.45 -14.46 0.41
CA ARG D 46 -1.14 -13.85 0.40
C ARG D 46 -0.70 -13.62 -1.04
N LEU D 47 -0.28 -12.40 -1.34
CA LEU D 47 0.17 -12.09 -2.69
C LEU D 47 1.46 -12.83 -3.02
N ILE D 48 1.53 -13.36 -4.24
CA ILE D 48 2.74 -13.92 -4.76
C ILE D 48 3.38 -13.01 -5.76
N TYR D 49 2.69 -12.65 -6.83
CA TYR D 49 3.30 -11.78 -7.79
C TYR D 49 2.27 -10.84 -8.32
N TYR D 50 2.68 -9.67 -8.78
CA TYR D 50 1.73 -8.75 -9.39
C TYR D 50 2.30 -8.03 -10.59
N SER D 51 1.44 -7.44 -11.42
CA SER D 51 1.91 -6.76 -12.63
C SER D 51 1.17 -5.46 -12.96
N TYR D 52 1.89 -4.50 -13.54
CA TYR D 52 1.30 -3.24 -13.98
C TYR D 52 1.05 -3.18 -15.48
N GLY D 53 1.34 -4.28 -16.18
CA GLY D 53 1.24 -4.32 -17.62
C GLY D 53 2.20 -5.36 -18.08
N ALA D 54 2.40 -5.47 -19.39
CA ALA D 54 3.29 -6.47 -19.96
C ALA D 54 4.45 -5.83 -20.72
N GLY D 55 5.67 -6.29 -20.41
CA GLY D 55 5.82 -7.30 -19.39
C GLY D 55 6.43 -6.74 -18.12
N SER D 56 5.71 -6.89 -17.02
CA SER D 56 6.16 -6.43 -15.72
C SER D 56 5.70 -7.42 -14.65
N THR D 57 6.43 -7.46 -13.53
CA THR D 57 6.04 -8.32 -12.43
C THR D 57 6.69 -7.81 -11.16
N GLU D 58 5.89 -7.61 -10.13
CA GLU D 58 6.41 -7.19 -8.85
C GLU D 58 6.13 -8.26 -7.82
N LYS D 59 7.16 -8.73 -7.12
CA LYS D 59 6.99 -9.89 -6.23
C LYS D 59 6.04 -9.66 -5.05
N GLY D 60 5.18 -10.65 -4.81
CA GLY D 60 4.31 -10.71 -3.65
C GLY D 60 5.08 -11.23 -2.45
N ASP D 61 4.58 -10.97 -1.23
CA ASP D 61 5.32 -11.42 -0.06
C ASP D 61 5.51 -12.92 0.00
N LEU D 62 5.10 -13.60 -1.04
CA LEU D 62 5.22 -15.03 -1.10
C LEU D 62 5.89 -15.43 -2.37
N SER D 63 6.67 -14.53 -2.93
CA SER D 63 7.21 -14.67 -4.26
C SER D 63 8.15 -15.81 -4.54
N GLU D 64 9.06 -16.03 -3.62
CA GLU D 64 10.13 -16.97 -3.84
C GLU D 64 9.61 -18.37 -3.87
N GLY D 65 10.10 -19.13 -4.82
CA GLY D 65 9.56 -20.43 -5.13
C GLY D 65 8.67 -20.38 -6.33
N TYR D 66 8.35 -19.20 -6.80
CA TYR D 66 7.46 -19.05 -7.93
C TYR D 66 8.00 -18.02 -8.85
N ASP D 67 7.57 -18.06 -10.08
CA ASP D 67 7.81 -16.97 -10.99
C ASP D 67 6.56 -16.71 -11.79
N ALA D 68 6.41 -15.50 -12.30
CA ALA D 68 5.27 -15.11 -13.09
C ALA D 68 5.70 -14.29 -14.26
N SER D 69 4.94 -14.36 -15.34
CA SER D 69 5.24 -13.59 -16.52
C SER D 69 3.98 -12.92 -17.00
N ARG D 70 4.06 -11.62 -17.28
CA ARG D 70 2.96 -10.97 -17.93
C ARG D 70 3.33 -10.92 -19.40
N GLU D 71 2.69 -11.75 -20.21
CA GLU D 71 2.94 -11.72 -21.61
C GLU D 71 2.20 -10.60 -22.32
N LYS D 72 0.99 -10.29 -21.87
CA LYS D 72 0.22 -9.23 -22.48
C LYS D 72 -0.77 -8.62 -21.55
N LYS D 73 -1.54 -7.66 -22.02
CA LYS D 73 -2.42 -6.98 -21.11
C LYS D 73 -3.43 -7.88 -20.53
N SER D 74 -3.87 -8.82 -21.32
CA SER D 74 -4.96 -9.65 -20.95
C SER D 74 -4.58 -10.95 -20.31
N SER D 75 -3.30 -11.27 -20.25
CA SER D 75 -2.90 -12.56 -19.73
C SER D 75 -1.81 -12.46 -18.73
N PHE D 76 -1.91 -13.22 -17.66
CA PHE D 76 -0.89 -13.24 -16.64
C PHE D 76 -0.65 -14.68 -16.24
N SER D 77 0.60 -15.13 -16.22
CA SER D 77 0.94 -16.52 -15.97
C SER D 77 1.78 -16.71 -14.74
N LEU D 78 1.56 -17.80 -14.03
CA LEU D 78 2.28 -18.07 -12.84
C LEU D 78 2.87 -19.41 -13.01
N THR D 79 4.11 -19.57 -12.61
CA THR D 79 4.81 -20.80 -12.81
C THR D 79 5.35 -21.23 -11.50
N VAL D 80 5.18 -22.50 -11.19
CA VAL D 80 5.66 -23.01 -9.93
C VAL D 80 6.90 -23.76 -10.24
N THR D 81 8.02 -23.27 -9.77
CA THR D 81 9.32 -23.77 -10.18
C THR D 81 9.62 -25.22 -9.82
N SER D 82 9.31 -25.63 -8.62
CA SER D 82 9.33 -27.03 -8.32
C SER D 82 8.20 -27.30 -7.40
N ALA D 83 7.45 -28.35 -7.67
CA ALA D 83 6.36 -28.82 -6.80
C ALA D 83 6.90 -29.50 -5.53
N GLN D 84 6.06 -29.53 -4.48
CA GLN D 84 6.43 -30.13 -3.20
C GLN D 84 5.57 -31.35 -2.88
N LYS D 85 6.21 -32.45 -2.47
CA LYS D 85 5.52 -33.69 -2.23
C LYS D 85 4.42 -33.52 -1.23
N ASN D 86 3.29 -34.11 -1.54
CA ASN D 86 2.17 -34.15 -0.64
C ASN D 86 1.54 -32.80 -0.62
N GLU D 87 2.01 -31.91 -1.47
CA GLU D 87 1.46 -30.59 -1.46
C GLU D 87 0.09 -30.51 -2.06
N MET D 88 -0.78 -29.75 -1.41
CA MET D 88 -2.04 -29.38 -1.98
C MET D 88 -2.20 -27.90 -1.80
N ALA D 89 -2.68 -27.21 -2.83
CA ALA D 89 -2.77 -25.78 -2.79
C ALA D 89 -3.86 -25.23 -3.66
N VAL D 90 -4.30 -24.02 -3.36
CA VAL D 90 -5.24 -23.30 -4.20
C VAL D 90 -4.63 -22.00 -4.63
N PHE D 91 -4.83 -21.63 -5.89
CA PHE D 91 -4.27 -20.41 -6.45
C PHE D 91 -5.31 -19.54 -7.09
N LEU D 92 -5.30 -18.24 -6.82
CA LEU D 92 -6.32 -17.33 -7.33
C LEU D 92 -5.84 -16.09 -8.11
N CYS D 93 -6.44 -15.81 -9.25
CA CYS D 93 -6.07 -14.72 -10.16
C CYS D 93 -7.07 -13.62 -9.89
N ALA D 94 -6.61 -12.40 -9.75
CA ALA D 94 -7.47 -11.27 -9.62
C ALA D 94 -6.92 -10.22 -10.50
N SER D 95 -7.77 -9.33 -10.98
CA SER D 95 -7.32 -8.24 -11.80
C SER D 95 -7.94 -6.94 -11.35
N GLY D 96 -7.25 -5.84 -11.58
CA GLY D 96 -7.65 -4.56 -11.04
C GLY D 96 -7.65 -3.36 -11.96
N SER D 97 -8.33 -2.32 -11.55
CA SER D 97 -8.35 -1.11 -12.32
C SER D 97 -7.42 -0.12 -11.70
N LEU D 98 -6.65 0.54 -12.53
CA LEU D 98 -5.77 1.58 -12.09
C LEU D 98 -6.53 2.77 -11.58
N LEU D 99 -7.67 3.05 -12.17
CA LEU D 99 -8.46 4.19 -11.76
C LEU D 99 -9.52 3.98 -10.68
N ASP D 100 -9.69 2.77 -10.21
CA ASP D 100 -10.62 2.47 -9.15
C ASP D 100 -10.05 1.37 -8.34
N VAL D 101 -9.55 1.64 -7.16
CA VAL D 101 -9.01 0.57 -6.35
C VAL D 101 -10.05 -0.44 -6.03
N ARG D 102 -11.30 -0.04 -6.06
CA ARG D 102 -12.35 -0.91 -5.61
C ARG D 102 -12.90 -1.83 -6.65
N GLU D 103 -12.54 -1.64 -7.89
CA GLU D 103 -12.92 -2.59 -8.86
C GLU D 103 -11.84 -3.60 -8.85
N VAL D 104 -12.15 -4.74 -8.29
CA VAL D 104 -11.30 -5.89 -8.32
C VAL D 104 -12.18 -7.09 -8.55
N PHE D 105 -11.74 -8.01 -9.40
CA PHE D 105 -12.49 -9.20 -9.72
C PHE D 105 -11.62 -10.40 -9.58
N PHE D 106 -12.19 -11.54 -9.24
CA PHE D 106 -11.41 -12.71 -8.94
C PHE D 106 -11.81 -13.87 -9.81
N GLY D 107 -10.87 -14.74 -10.06
CA GLY D 107 -11.10 -15.94 -10.82
C GLY D 107 -11.66 -17.01 -9.93
N LYS D 108 -12.08 -18.13 -10.48
CA LYS D 108 -12.68 -19.16 -9.66
C LYS D 108 -11.67 -20.07 -9.01
N GLY D 109 -10.42 -19.88 -9.32
CA GLY D 109 -9.38 -20.65 -8.70
C GLY D 109 -8.88 -21.87 -9.42
N THR D 110 -7.64 -22.22 -9.11
CA THR D 110 -7.01 -23.40 -9.62
C THR D 110 -6.58 -24.26 -8.45
N ARG D 111 -6.91 -25.54 -8.52
CA ARG D 111 -6.67 -26.42 -7.40
C ARG D 111 -5.65 -27.47 -7.75
N LEU D 112 -4.63 -27.57 -6.92
CA LEU D 112 -3.45 -28.33 -7.27
C LEU D 112 -3.24 -29.45 -6.33
N THR D 113 -3.02 -30.63 -6.87
CA THR D 113 -2.65 -31.74 -6.07
C THR D 113 -1.39 -32.32 -6.63
N VAL D 114 -0.40 -32.48 -5.79
CA VAL D 114 0.83 -33.07 -6.19
C VAL D 114 0.75 -34.48 -5.73
N VAL D 115 1.08 -35.41 -6.62
CA VAL D 115 1.16 -36.83 -6.30
C VAL D 115 2.55 -37.39 -6.62
N GLU D 116 3.14 -38.11 -5.67
CA GLU D 116 4.49 -38.65 -5.85
C GLU D 116 4.60 -39.67 -6.99
N ASP D 117 3.61 -40.54 -7.11
CA ASP D 117 3.58 -41.55 -8.16
C ASP D 117 2.34 -41.35 -9.00
N LEU D 118 2.48 -41.34 -10.32
CA LEU D 118 1.34 -40.97 -11.16
C LEU D 118 0.47 -42.19 -11.43
N LYS D 119 1.10 -43.33 -11.67
CA LYS D 119 0.38 -44.59 -11.79
C LYS D 119 -0.87 -44.61 -10.91
N ASN D 120 -0.77 -44.00 -9.73
CA ASN D 120 -1.87 -44.05 -8.76
C ASN D 120 -3.18 -43.43 -9.23
N VAL D 121 -3.12 -42.28 -9.92
CA VAL D 121 -4.33 -41.69 -10.44
C VAL D 121 -5.36 -42.65 -10.95
N PHE D 122 -6.62 -42.52 -10.55
CA PHE D 122 -7.68 -43.34 -11.11
C PHE D 122 -8.94 -42.56 -11.38
N PRO D 123 -9.67 -42.96 -12.40
CA PRO D 123 -10.97 -42.41 -12.69
C PRO D 123 -11.98 -42.95 -11.75
N PRO D 124 -13.11 -42.28 -11.66
CA PRO D 124 -14.18 -42.64 -10.76
C PRO D 124 -15.02 -43.75 -11.32
N GLU D 125 -15.71 -44.45 -10.46
CA GLU D 125 -16.63 -45.47 -10.90
C GLU D 125 -18.01 -45.07 -10.44
N VAL D 126 -18.95 -44.99 -11.35
CA VAL D 126 -20.22 -44.42 -11.02
C VAL D 126 -21.37 -45.37 -11.21
N ALA D 127 -22.20 -45.51 -10.19
CA ALA D 127 -23.44 -46.25 -10.32
C ALA D 127 -24.55 -45.58 -9.55
N VAL D 128 -25.78 -45.80 -9.97
CA VAL D 128 -26.91 -45.19 -9.31
C VAL D 128 -27.82 -46.23 -8.74
N PHE D 129 -28.30 -46.00 -7.54
CA PHE D 129 -29.12 -46.97 -6.87
C PHE D 129 -30.53 -46.45 -6.87
N GLU D 130 -31.45 -47.28 -7.30
CA GLU D 130 -32.82 -46.87 -7.44
C GLU D 130 -33.50 -46.72 -6.13
N PRO D 131 -34.54 -45.91 -6.14
CA PRO D 131 -35.30 -45.61 -4.94
C PRO D 131 -36.01 -46.82 -4.38
N SER D 132 -35.99 -46.92 -3.06
CA SER D 132 -36.62 -48.03 -2.34
C SER D 132 -38.13 -47.95 -2.35
N GLU D 133 -38.79 -49.11 -2.34
CA GLU D 133 -40.24 -49.18 -2.30
C GLU D 133 -40.81 -48.58 -1.01
N ALA D 134 -40.15 -48.84 0.12
CA ALA D 134 -40.67 -48.43 1.40
C ALA D 134 -40.85 -46.94 1.53
N GLU D 135 -39.88 -46.19 1.06
CA GLU D 135 -39.93 -44.78 1.23
C GLU D 135 -41.14 -44.33 0.49
N ILE D 136 -41.34 -44.92 -0.66
CA ILE D 136 -42.32 -44.41 -1.58
C ILE D 136 -43.70 -44.45 -1.03
N SER D 137 -44.10 -45.60 -0.56
CA SER D 137 -45.41 -45.73 0.04
C SER D 137 -45.44 -44.88 1.27
N HIS D 138 -44.41 -45.02 2.07
CA HIS D 138 -44.28 -44.32 3.32
C HIS D 138 -44.17 -42.84 3.13
N THR D 139 -43.35 -42.47 2.15
CA THR D 139 -42.95 -41.10 1.96
C THR D 139 -43.69 -40.40 0.87
N GLN D 140 -43.91 -41.09 -0.23
CA GLN D 140 -44.50 -40.48 -1.39
C GLN D 140 -43.42 -39.71 -2.10
N LYS D 141 -42.22 -39.82 -1.57
CA LYS D 141 -41.04 -39.18 -2.12
C LYS D 141 -40.03 -40.22 -2.51
N ALA D 142 -39.52 -40.11 -3.73
CA ALA D 142 -38.62 -41.10 -4.27
C ALA D 142 -37.23 -40.54 -4.37
N THR D 143 -36.26 -41.28 -3.84
CA THR D 143 -34.87 -40.82 -3.79
C THR D 143 -33.89 -41.71 -4.57
N LEU D 144 -33.03 -41.07 -5.37
CA LEU D 144 -32.01 -41.77 -6.16
C LEU D 144 -30.60 -41.37 -5.72
N VAL D 145 -29.73 -42.36 -5.55
CA VAL D 145 -28.40 -42.13 -5.02
C VAL D 145 -27.32 -42.41 -6.04
N CYS D 146 -26.33 -41.52 -6.14
CA CYS D 146 -25.23 -41.70 -7.06
C CYS D 146 -23.93 -41.91 -6.29
N LEU D 147 -23.15 -42.89 -6.71
CA LEU D 147 -21.92 -43.23 -6.00
C LEU D 147 -20.74 -43.09 -6.89
N ALA D 148 -19.76 -42.32 -6.44
CA ALA D 148 -18.52 -42.22 -7.17
C ALA D 148 -17.46 -42.72 -6.28
N THR D 149 -16.74 -43.71 -6.78
CA THR D 149 -15.79 -44.43 -5.98
C THR D 149 -14.44 -44.56 -6.64
N GLY D 150 -13.43 -44.67 -5.82
CA GLY D 150 -12.09 -44.99 -6.25
C GLY D 150 -11.36 -44.12 -7.22
N PHE D 151 -11.45 -42.82 -7.03
CA PHE D 151 -10.77 -41.88 -7.88
C PHE D 151 -9.77 -41.14 -7.06
N TYR D 152 -8.61 -40.87 -7.63
CA TYR D 152 -7.64 -39.99 -7.01
C TYR D 152 -7.06 -39.22 -8.14
N PRO D 153 -6.78 -37.94 -7.98
CA PRO D 153 -7.08 -37.11 -6.82
C PRO D 153 -8.49 -36.60 -6.86
N ASP D 154 -8.97 -35.94 -5.82
CA ASP D 154 -10.35 -35.58 -5.80
C ASP D 154 -10.56 -34.32 -6.57
N HIS D 155 -10.62 -34.48 -7.88
CA HIS D 155 -10.82 -33.40 -8.79
C HIS D 155 -11.97 -33.80 -9.66
N VAL D 156 -13.16 -33.73 -9.10
CA VAL D 156 -14.34 -34.14 -9.80
C VAL D 156 -15.44 -33.12 -9.70
N GLU D 157 -16.31 -33.12 -10.69
CA GLU D 157 -17.56 -32.39 -10.65
C GLU D 157 -18.69 -33.35 -10.86
N LEU D 158 -19.66 -33.35 -9.96
CA LEU D 158 -20.79 -34.25 -10.05
C LEU D 158 -22.11 -33.55 -10.31
N SER D 159 -22.90 -34.07 -11.21
CA SER D 159 -24.14 -33.45 -11.59
C SER D 159 -25.25 -34.46 -11.86
N TRP D 160 -26.50 -34.05 -11.70
CA TRP D 160 -27.63 -34.93 -11.96
C TRP D 160 -28.38 -34.44 -13.15
N TRP D 161 -28.65 -35.32 -14.09
CA TRP D 161 -29.35 -34.95 -15.28
C TRP D 161 -30.61 -35.73 -15.44
N VAL D 162 -31.73 -35.05 -15.39
CA VAL D 162 -33.01 -35.65 -15.59
C VAL D 162 -33.15 -35.73 -17.06
N ASN D 163 -34.24 -36.27 -17.54
CA ASN D 163 -34.27 -36.50 -18.95
C ASN D 163 -33.95 -35.14 -19.48
N GLY D 164 -32.97 -35.09 -20.37
CA GLY D 164 -32.48 -33.86 -20.95
C GLY D 164 -31.58 -32.90 -20.19
N LYS D 165 -32.00 -32.43 -19.03
CA LYS D 165 -31.41 -31.27 -18.43
C LYS D 165 -30.78 -31.52 -17.08
N GLU D 166 -29.84 -30.67 -16.72
CA GLU D 166 -29.23 -30.68 -15.40
C GLU D 166 -30.22 -30.15 -14.42
N VAL D 167 -30.11 -30.58 -13.17
CA VAL D 167 -31.07 -30.15 -12.18
C VAL D 167 -30.41 -29.88 -10.87
N HIS D 168 -30.95 -28.93 -10.12
CA HIS D 168 -30.42 -28.66 -8.82
C HIS D 168 -31.43 -28.78 -7.70
N SER D 169 -32.70 -28.87 -8.03
CA SER D 169 -33.69 -28.99 -7.00
C SER D 169 -33.75 -30.40 -6.50
N GLY D 170 -33.64 -30.58 -5.21
CA GLY D 170 -33.61 -31.91 -4.67
C GLY D 170 -32.30 -32.62 -4.78
N VAL D 171 -31.20 -31.90 -4.87
CA VAL D 171 -29.91 -32.54 -4.97
C VAL D 171 -29.03 -32.23 -3.78
N CYS D 172 -28.38 -33.26 -3.25
CA CYS D 172 -27.42 -33.08 -2.17
C CYS D 172 -26.15 -33.91 -2.44
N THR D 173 -25.02 -33.24 -2.55
CA THR D 173 -23.78 -33.90 -2.84
C THR D 173 -22.90 -33.59 -1.66
N ASP D 174 -22.11 -34.55 -1.24
CA ASP D 174 -21.34 -34.32 -0.06
C ASP D 174 -20.29 -33.28 -0.38
N PRO D 175 -20.00 -32.44 0.59
CA PRO D 175 -18.92 -31.49 0.50
C PRO D 175 -17.62 -32.22 0.47
N GLN D 176 -17.58 -33.33 1.19
CA GLN D 176 -16.34 -34.02 1.45
C GLN D 176 -16.27 -35.44 0.95
N PRO D 177 -15.20 -35.73 0.23
CA PRO D 177 -14.89 -37.06 -0.25
C PRO D 177 -14.31 -37.90 0.86
N LEU D 178 -14.19 -39.20 0.66
CA LEU D 178 -13.61 -40.03 1.71
C LEU D 178 -12.44 -40.85 1.23
N LYS D 179 -11.48 -41.05 2.11
CA LYS D 179 -10.29 -41.77 1.74
C LYS D 179 -10.57 -43.20 1.99
N GLU D 180 -10.54 -44.01 0.97
CA GLU D 180 -10.81 -45.41 1.17
C GLU D 180 -9.77 -46.13 2.01
N GLN D 181 -8.50 -45.85 1.78
CA GLN D 181 -7.44 -46.56 2.47
C GLN D 181 -6.45 -45.56 3.02
N PRO D 182 -6.77 -44.90 4.12
CA PRO D 182 -5.87 -43.85 4.59
C PRO D 182 -4.50 -44.41 4.96
N ALA D 183 -3.44 -43.78 4.44
CA ALA D 183 -2.09 -44.20 4.77
C ALA D 183 -1.45 -43.24 5.79
N LEU D 184 -1.59 -41.95 5.52
CA LEU D 184 -2.24 -41.48 4.31
C LEU D 184 -1.28 -40.72 3.40
N ASN D 185 -1.23 -41.10 2.13
CA ASN D 185 -0.39 -40.43 1.14
C ASN D 185 -1.01 -40.28 -0.26
N ASP D 186 -1.54 -41.38 -0.77
CA ASP D 186 -2.13 -41.44 -2.12
C ASP D 186 -3.55 -42.00 -2.16
N SER D 187 -4.26 -41.97 -1.03
CA SER D 187 -5.52 -42.71 -0.89
C SER D 187 -6.61 -42.27 -1.86
N ARG D 188 -7.37 -43.26 -2.36
CA ARG D 188 -8.54 -43.02 -3.20
C ARG D 188 -9.73 -42.45 -2.42
N TYR D 189 -10.61 -41.74 -3.10
CA TYR D 189 -11.77 -41.10 -2.46
C TYR D 189 -13.10 -41.38 -3.18
N ALA D 190 -14.20 -41.29 -2.44
CA ALA D 190 -15.53 -41.56 -2.99
C ALA D 190 -16.55 -40.47 -2.66
N LEU D 191 -17.56 -40.31 -3.51
CA LEU D 191 -18.55 -39.24 -3.36
C LEU D 191 -20.00 -39.70 -3.24
N SER D 192 -20.72 -39.11 -2.29
CA SER D 192 -22.15 -39.37 -2.07
C SER D 192 -23.02 -38.34 -2.73
N SER D 193 -24.02 -38.73 -3.50
CA SER D 193 -24.98 -37.75 -3.96
C SER D 193 -26.40 -38.30 -4.02
N ARG D 194 -27.35 -37.50 -3.54
CA ARG D 194 -28.74 -37.93 -3.50
C ARG D 194 -29.67 -37.01 -4.29
N LEU D 195 -30.51 -37.59 -5.13
CA LEU D 195 -31.52 -36.85 -5.88
C LEU D 195 -32.90 -37.35 -5.47
N ARG D 196 -33.80 -36.44 -5.13
CA ARG D 196 -35.10 -36.82 -4.66
C ARG D 196 -36.21 -36.22 -5.47
N VAL D 197 -37.15 -37.07 -5.89
CA VAL D 197 -38.27 -36.63 -6.71
C VAL D 197 -39.57 -37.23 -6.20
N SER D 198 -40.68 -36.58 -6.51
CA SER D 198 -41.98 -37.08 -6.08
C SER D 198 -42.20 -38.44 -6.72
N ALA D 199 -42.76 -39.38 -5.94
CA ALA D 199 -42.87 -40.73 -6.38
C ALA D 199 -43.63 -40.75 -7.68
N THR D 200 -44.63 -39.92 -7.78
CA THR D 200 -45.43 -40.03 -8.96
C THR D 200 -44.48 -39.81 -10.09
N PHE D 201 -43.56 -38.87 -9.90
CA PHE D 201 -42.65 -38.50 -10.95
C PHE D 201 -41.79 -39.64 -11.37
N TRP D 202 -41.24 -40.35 -10.41
CA TRP D 202 -40.32 -41.40 -10.73
C TRP D 202 -41.15 -42.60 -11.00
N GLN D 203 -42.45 -42.39 -10.93
CA GLN D 203 -43.38 -43.48 -10.89
C GLN D 203 -43.25 -44.29 -12.15
N ASN D 204 -43.19 -43.63 -13.29
CA ASN D 204 -43.06 -44.36 -14.52
C ASN D 204 -41.64 -44.33 -14.93
N PRO D 205 -40.97 -45.47 -14.91
CA PRO D 205 -39.56 -45.40 -15.26
C PRO D 205 -39.56 -45.31 -16.76
N ARG D 206 -40.30 -44.31 -17.22
CA ARG D 206 -40.23 -43.81 -18.57
C ARG D 206 -39.60 -42.42 -18.52
N ASN D 207 -38.94 -42.17 -17.41
CA ASN D 207 -38.27 -40.92 -17.15
C ASN D 207 -36.81 -41.23 -17.04
N HIS D 208 -35.95 -40.35 -17.53
CA HIS D 208 -34.52 -40.59 -17.53
C HIS D 208 -33.82 -39.69 -16.55
N PHE D 209 -33.11 -40.29 -15.60
CA PHE D 209 -32.30 -39.52 -14.67
C PHE D 209 -30.87 -40.01 -14.81
N ARG D 210 -29.95 -39.07 -15.02
CA ARG D 210 -28.56 -39.43 -15.24
C ARG D 210 -27.67 -38.79 -14.18
N CYS D 211 -26.83 -39.61 -13.55
CA CYS D 211 -25.86 -39.14 -12.59
C CYS D 211 -24.49 -39.20 -13.24
N GLN D 212 -23.87 -38.04 -13.44
CA GLN D 212 -22.68 -37.98 -14.25
C GLN D 212 -21.55 -37.24 -13.58
N VAL D 213 -20.34 -37.78 -13.68
CA VAL D 213 -19.21 -37.18 -13.02
C VAL D 213 -18.11 -36.81 -13.97
N GLN D 214 -17.57 -35.62 -13.83
CA GLN D 214 -16.51 -35.19 -14.70
C GLN D 214 -15.23 -35.27 -13.96
N PHE D 215 -14.25 -35.92 -14.57
CA PHE D 215 -13.01 -36.20 -13.90
C PHE D 215 -11.96 -35.44 -14.61
N TYR D 216 -11.05 -34.85 -13.86
CA TYR D 216 -9.96 -34.14 -14.47
C TYR D 216 -8.69 -34.87 -14.18
N GLY D 217 -8.07 -35.42 -15.22
CA GLY D 217 -6.86 -36.18 -15.04
C GLY D 217 -5.65 -35.87 -15.88
N LEU D 218 -5.23 -36.88 -16.63
CA LEU D 218 -4.05 -36.83 -17.50
C LEU D 218 -4.22 -36.07 -18.82
N SER D 219 -3.11 -35.61 -19.38
CA SER D 219 -3.09 -34.92 -20.68
C SER D 219 -2.18 -35.65 -21.68
N GLU D 220 -2.68 -35.84 -22.90
CA GLU D 220 -1.95 -36.57 -23.92
C GLU D 220 -0.50 -36.32 -23.65
N ASN D 221 -0.18 -35.10 -23.27
CA ASN D 221 1.21 -34.74 -23.15
C ASN D 221 1.92 -35.58 -22.14
N ASP D 222 1.21 -35.94 -21.08
CA ASP D 222 1.74 -36.79 -20.04
C ASP D 222 1.56 -38.20 -20.54
N GLU D 223 2.37 -38.62 -21.50
CA GLU D 223 2.24 -39.97 -22.06
C GLU D 223 2.48 -41.01 -20.97
N TRP D 224 1.69 -42.07 -20.97
CA TRP D 224 1.70 -43.05 -19.89
C TRP D 224 2.06 -44.48 -20.31
N THR D 225 3.00 -45.07 -19.58
CA THR D 225 3.34 -46.47 -19.70
C THR D 225 2.37 -47.54 -19.26
N GLN D 226 1.70 -47.32 -18.14
CA GLN D 226 1.14 -48.40 -17.37
C GLN D 226 0.10 -49.18 -18.13
N ASP D 227 -0.05 -50.43 -17.77
CA ASP D 227 -0.70 -51.29 -18.67
C ASP D 227 -2.10 -50.83 -18.86
N ARG D 228 -2.80 -50.61 -17.78
CA ARG D 228 -4.20 -50.27 -17.87
C ARG D 228 -4.50 -48.86 -18.33
N ALA D 229 -5.74 -48.64 -18.72
CA ALA D 229 -6.09 -47.49 -19.54
C ALA D 229 -5.80 -46.19 -18.87
N LYS D 230 -5.40 -45.21 -19.65
CA LYS D 230 -4.94 -43.96 -19.11
C LYS D 230 -6.04 -43.26 -18.38
N PRO D 231 -5.72 -42.67 -17.25
CA PRO D 231 -6.72 -41.95 -16.48
C PRO D 231 -6.84 -40.54 -17.00
N VAL D 232 -7.39 -40.40 -18.18
CA VAL D 232 -7.58 -39.12 -18.82
C VAL D 232 -8.75 -38.35 -18.25
N THR D 233 -8.85 -37.09 -18.61
CA THR D 233 -9.96 -36.29 -18.20
C THR D 233 -11.15 -36.85 -18.93
N GLN D 234 -12.19 -37.21 -18.20
CA GLN D 234 -13.31 -37.89 -18.79
C GLN D 234 -14.56 -37.77 -17.94
N ILE D 235 -15.70 -38.15 -18.50
CA ILE D 235 -16.97 -38.16 -17.80
C ILE D 235 -17.55 -39.53 -17.71
N VAL D 236 -17.96 -39.94 -16.52
CA VAL D 236 -18.59 -41.23 -16.32
C VAL D 236 -19.99 -41.07 -15.73
N SER D 237 -20.95 -41.85 -16.19
CA SER D 237 -22.33 -41.65 -15.83
C SER D 237 -23.02 -42.95 -15.47
N ALA D 238 -24.24 -42.84 -14.98
CA ALA D 238 -25.12 -43.98 -14.79
C ALA D 238 -26.43 -43.65 -15.50
N GLU D 239 -26.94 -44.59 -16.29
CA GLU D 239 -28.17 -44.34 -17.01
C GLU D 239 -29.31 -45.08 -16.33
N ALA D 240 -30.33 -44.33 -15.93
CA ALA D 240 -31.44 -44.92 -15.19
C ALA D 240 -32.81 -44.34 -15.55
N TRP D 241 -33.83 -45.16 -15.38
CA TRP D 241 -35.24 -44.76 -15.47
C TRP D 241 -36.11 -45.10 -14.26
C1 NAG E . -10.83 24.64 -1.46
C2 NAG E . -12.26 24.12 -1.52
C3 NAG E . -12.61 23.78 -2.97
C4 NAG E . -12.43 25.02 -3.83
C5 NAG E . -11.02 25.60 -3.66
C6 NAG E . -10.91 26.93 -4.40
C7 NAG E . -13.16 22.98 0.47
C8 NAG E . -13.85 24.25 0.89
N2 NAG E . -12.43 22.96 -0.66
O3 NAG E . -13.93 23.33 -3.06
O4 NAG E . -12.55 24.52 -5.19
O5 NAG E . -10.71 25.80 -2.28
O6 NAG E . -10.26 27.89 -3.58
O7 NAG E . -13.28 21.97 1.17
C1 NAG E . -12.99 24.76 -6.46
C2 NAG E . -14.46 24.57 -6.86
C3 NAG E . -14.49 24.50 -8.40
C4 NAG E . -13.83 25.77 -8.97
C5 NAG E . -12.42 25.91 -8.39
C6 NAG E . -11.62 27.10 -8.91
C7 NAG E . -16.25 23.18 -5.94
C8 NAG E . -16.58 21.93 -5.16
N2 NAG E . -14.98 23.35 -6.27
O3 NAG E . -15.78 24.30 -8.92
O4 NAG E . -13.79 25.71 -10.38
O5 NAG E . -12.49 25.97 -6.97
O6 NAG E . -10.29 26.93 -8.49
O7 NAG E . -17.13 23.98 -6.25
C1 NAG F . 21.15 2.16 -2.76
C2 NAG F . 22.12 0.98 -2.76
C3 NAG F . 23.11 1.16 -1.60
C4 NAG F . 23.80 2.52 -1.68
C5 NAG F . 22.78 3.66 -1.84
C6 NAG F . 23.47 4.99 -2.12
C7 NAG F . 21.04 -1.06 -3.69
C8 NAG F . 20.31 -2.33 -3.34
N2 NAG F . 21.39 -0.28 -2.65
O3 NAG F . 24.07 0.13 -1.61
O4 NAG F . 24.58 2.72 -0.51
O5 NAG F . 21.87 3.38 -2.91
O6 NAG F . 22.52 6.00 -2.40
O7 NAG F . 21.28 -0.81 -4.86
C1 NAG G . 14.72 6.67 7.52
C2 NAG G . 15.77 5.58 7.65
C3 NAG G . 15.08 4.30 7.18
C4 NAG G . 13.93 4.02 8.14
C5 NAG G . 13.04 5.25 8.38
C6 NAG G . 12.13 5.04 9.59
C7 NAG G . 17.96 6.61 7.54
C8 NAG G . 19.17 6.93 6.71
N2 NAG G . 16.98 5.92 6.93
O3 NAG G . 15.97 3.20 7.17
O4 NAG G . 13.14 3.00 7.61
O5 NAG G . 13.80 6.43 8.57
O6 NAG G . 12.89 4.93 10.78
O7 NAG G . 17.92 6.97 8.71
C1 GCY H . 7.55 8.30 -10.20
N1 GCY H . -2.53 10.61 1.90
O1 GCY H . -0.07 8.69 0.26
C2 GCY H . 7.45 9.82 -10.14
O2 GCY H . -3.27 7.43 2.77
C3 GCY H . 6.14 10.25 -9.46
O3 GCY H . -6.24 7.76 6.53
C4 GCY H . 5.83 11.73 -9.72
O4 GCY H . -5.20 7.86 4.25
C5 GCY H . 5.65 12.51 -8.42
O5 GCY H . -7.95 6.85 3.67
C6 GCY H . 4.27 13.19 -8.38
C7 GCY H . 3.45 12.73 -7.18
C8 GCY H . 2.46 13.81 -6.74
C9 GCY H . 2.57 14.09 -5.24
C10 GCY H . 1.55 13.30 -4.42
C11 GCY H . 1.60 13.69 -2.94
C12 GCY H . 0.43 13.08 -2.15
C13 GCY H . 0.86 11.77 -1.48
C14 GCY H . -0.26 10.73 -1.52
C15 GCY H . -0.86 10.63 -0.27
C16 GCY H . -1.09 9.39 0.35
O16 GCY H . -7.73 7.33 0.98
C17 GCY H . -1.78 9.35 1.72
O17 GCY H . -4.92 7.32 0.63
C18 GCY H . -2.68 8.12 1.64
O18 GCY H . -1.97 10.90 4.09
C19 GCY H . -4.61 7.96 2.94
C20 GCY H . -6.44 8.69 4.31
C21 GCY H . -7.05 8.61 5.71
C22 GCY H . -7.48 8.14 3.25
C35 GCY H . -6.85 8.03 1.86
C36 GCY H . -5.53 7.30 1.92
C37 GCY H . -2.52 11.29 3.06
C38 GCY H . -3.29 12.62 3.01
C39 GCY H . -2.45 13.80 3.55
C40 GCY H . -1.60 14.52 2.47
C41 GCY H . -0.92 15.79 3.02
C42 GCY H . 0.22 16.33 2.13
C43 GCY H . 0.95 17.53 2.77
C44 GCY H . 2.46 17.55 2.44
CAJ GCY H . 3.23 18.56 3.31
CAK GCY H . 4.33 17.90 4.17
CAL GCY H . 4.70 18.72 5.42
CAM GCY H . 5.61 17.96 6.40
CAN GCY H . 5.67 18.74 7.51
CAO GCY H . 4.75 19.61 8.31
CAP GCY H . 5.29 20.40 9.62
CAQ GCY H . 4.32 20.81 10.49
CAR GCY H . 3.79 22.09 10.34
CAS GCY H . 2.36 22.33 10.62
CAT GCY H . 1.78 22.89 9.48
CAU GCY H . 0.40 22.71 9.14
CAV GCY H . -0.38 23.25 8.05
CAW GCY H . 0.18 22.73 6.78
CAX GCY H . -0.17 22.96 5.84
CAY GCY H . 0.05 22.91 4.56
C1 GOL I . 13.20 28.72 2.99
O1 GOL I . 14.57 28.68 2.70
C2 GOL I . 12.55 29.89 2.29
O2 GOL I . 12.83 31.07 2.99
C3 GOL I . 13.00 29.93 0.84
O3 GOL I . 12.80 31.16 0.22
#